data_9LW9
#
_entry.id   9LW9
#
_cell.length_a   1.00
_cell.length_b   1.00
_cell.length_c   1.00
_cell.angle_alpha   90.00
_cell.angle_beta   90.00
_cell.angle_gamma   90.00
#
_symmetry.space_group_name_H-M   'P 1'
#
loop_
_entity.id
_entity.type
_entity.pdbx_description
1 polymer 'Portal protein'
2 polymer 'Adaptor protein gp8'
#
loop_
_entity_poly.entity_id
_entity_poly.type
_entity_poly.pdbx_seq_one_letter_code
_entity_poly.pdbx_strand_id
1 'polypeptide(L)'
;MRLIDRLLSTRGAAQRMSIDDYAHMLNEFAFNGIGYGFGGGVPRIQQTLAGPSTELAPDTFVGLATQAYQANGPVFACML
VRQLVFSSVRFRWQRLRDGKPSDTFGSGDLQILETPWKGGTTQDMLSRMIQDADLAGNSYWTIVDGEFVRMRPDWVDVVV
EERMVRGGRGERGGGQLGWRKVGYLYTEGGRQSGNEPVGFLAEDVVHFAPIPDPLASYRGMSWLTPILREIRADQAMSKH
QAKFFDNGATVNLVIKHNPMADPAAVKKWADEVNSKHAGVDNAWKNLNLYPGADAEVVGSNLQEIDFKNVRGGGETRIAA
AAGVPPVIVGLSEGLAAATYSNYGQARRRLADGTAHPLWQNLSGCIGHVMPDMGPDVRLWYDADDVPFLREDEKDAADIQ
KVRAETINTLITAGYEPDSVVAAVNSGDLRLLKHTGLTSVQLLPPGVSASAPSDTPTSGGADDNGN
;
A,B
2 'polypeptide(L)'
;MAELKPDDLPAKVRGQFADNTEAQAAIDAVLAAARRWCGWHVSPVIVDDVMELDGPGGRVLSLPTLNLVSVSSVVELGHA
LDVSTLDRSRRKGTLTKPYGRWTARDGAIVVTATHGFTEAEAADWRRAVVQLVGQRAQTSRPSADLKRKKIDDVEYEWFE
TAVSVDAELSAVFSPFRILPSP
;
C,D
#
# COMPACT_ATOMS: atom_id res chain seq x y z
N PRO A 43 -30.70 -10.12 -34.06
CA PRO A 43 -31.01 -9.02 -34.97
C PRO A 43 -29.89 -8.77 -35.97
N ARG A 44 -29.05 -9.78 -36.22
CA ARG A 44 -27.92 -9.68 -37.13
C ARG A 44 -28.16 -10.45 -38.44
N ILE A 45 -29.42 -10.62 -38.83
CA ILE A 45 -29.73 -11.32 -40.08
C ILE A 45 -29.29 -10.46 -41.26
N GLN A 46 -28.53 -11.07 -42.17
CA GLN A 46 -28.05 -10.39 -43.37
C GLN A 46 -28.16 -11.34 -44.55
N GLN A 47 -28.29 -10.76 -45.74
CA GLN A 47 -28.40 -11.52 -46.97
C GLN A 47 -27.35 -11.04 -47.96
N THR A 48 -26.88 -11.97 -48.79
CA THR A 48 -25.87 -11.68 -49.80
C THR A 48 -26.50 -11.74 -51.18
N LEU A 49 -26.08 -10.81 -52.06
CA LEU A 49 -26.62 -10.77 -53.41
C LEU A 49 -26.27 -12.01 -54.22
N ALA A 50 -25.21 -12.74 -53.82
CA ALA A 50 -24.83 -13.95 -54.51
C ALA A 50 -24.41 -15.05 -53.53
N GLY A 51 -25.02 -15.07 -52.35
CA GLY A 51 -24.67 -16.04 -51.35
C GLY A 51 -25.77 -16.28 -50.33
N PRO A 52 -25.74 -17.45 -49.70
CA PRO A 52 -26.74 -17.75 -48.65
C PRO A 52 -26.71 -16.73 -47.53
N SER A 53 -27.90 -16.47 -46.98
CA SER A 53 -28.02 -15.54 -45.87
C SER A 53 -27.30 -16.09 -44.64
N THR A 54 -26.72 -15.19 -43.85
CA THR A 54 -25.94 -15.58 -42.68
C THR A 54 -26.28 -14.68 -41.50
N GLU A 55 -26.19 -15.25 -40.30
CA GLU A 55 -26.35 -14.50 -39.06
C GLU A 55 -24.98 -14.05 -38.59
N LEU A 56 -24.87 -12.78 -38.20
CA LEU A 56 -23.58 -12.18 -37.88
C LEU A 56 -23.29 -12.28 -36.38
N ALA A 57 -22.00 -12.23 -36.06
CA ALA A 57 -21.45 -12.31 -34.71
C ALA A 57 -20.83 -10.97 -34.30
N PRO A 58 -21.22 -10.46 -33.13
CA PRO A 58 -20.62 -9.20 -32.64
C PRO A 58 -19.13 -9.34 -32.34
N ASP A 59 -18.49 -8.21 -32.04
CA ASP A 59 -17.05 -8.15 -31.83
C ASP A 59 -16.69 -7.79 -30.39
N THR A 60 -17.52 -8.20 -29.43
CA THR A 60 -17.26 -7.89 -28.03
C THR A 60 -16.22 -8.80 -27.40
N PHE A 61 -15.76 -9.84 -28.12
CA PHE A 61 -14.80 -10.78 -27.56
C PHE A 61 -13.51 -10.09 -27.13
N VAL A 62 -12.82 -9.47 -28.10
CA VAL A 62 -11.52 -8.86 -27.82
C VAL A 62 -11.67 -7.71 -26.83
N GLY A 63 -12.71 -6.90 -27.00
CA GLY A 63 -12.91 -5.78 -26.09
C GLY A 63 -13.11 -6.24 -24.65
N LEU A 64 -13.99 -7.23 -24.45
CA LEU A 64 -14.21 -7.75 -23.10
C LEU A 64 -12.93 -8.36 -22.54
N ALA A 65 -12.23 -9.16 -23.35
CA ALA A 65 -11.03 -9.84 -22.86
C ALA A 65 -9.96 -8.84 -22.45
N THR A 66 -9.81 -7.75 -23.21
CA THR A 66 -8.77 -6.77 -22.92
C THR A 66 -9.20 -5.70 -21.93
N GLN A 67 -10.49 -5.59 -21.61
CA GLN A 67 -10.94 -4.54 -20.72
C GLN A 67 -11.42 -5.01 -19.36
N ALA A 68 -11.89 -6.26 -19.23
CA ALA A 68 -12.38 -6.75 -17.96
C ALA A 68 -11.61 -7.95 -17.45
N TYR A 69 -11.35 -8.94 -18.31
CA TYR A 69 -10.67 -10.16 -17.86
C TYR A 69 -9.25 -9.88 -17.37
N GLN A 70 -8.51 -9.06 -18.11
CA GLN A 70 -7.12 -8.77 -17.77
C GLN A 70 -6.94 -7.42 -17.08
N ALA A 71 -8.03 -6.77 -16.68
CA ALA A 71 -7.92 -5.47 -16.04
C ALA A 71 -8.85 -5.31 -14.84
N ASN A 72 -9.39 -6.39 -14.29
CA ASN A 72 -10.28 -6.31 -13.14
C ASN A 72 -10.05 -7.52 -12.23
N GLY A 73 -10.25 -7.30 -10.94
CA GLY A 73 -10.06 -8.34 -9.95
C GLY A 73 -11.22 -9.32 -9.84
N PRO A 74 -12.41 -8.82 -9.47
CA PRO A 74 -13.55 -9.74 -9.26
C PRO A 74 -13.92 -10.56 -10.48
N VAL A 75 -13.86 -9.98 -11.68
CA VAL A 75 -14.21 -10.74 -12.89
C VAL A 75 -13.24 -11.89 -13.09
N PHE A 76 -11.94 -11.60 -12.98
CA PHE A 76 -10.94 -12.64 -13.13
C PHE A 76 -11.10 -13.72 -12.07
N ALA A 77 -11.38 -13.33 -10.82
CA ALA A 77 -11.54 -14.30 -9.76
C ALA A 77 -12.75 -15.20 -10.02
N CYS A 78 -13.87 -14.62 -10.42
CA CYS A 78 -15.07 -15.41 -10.68
C CYS A 78 -14.84 -16.38 -11.84
N MET A 79 -14.21 -15.90 -12.92
CA MET A 79 -13.96 -16.78 -14.06
C MET A 79 -12.99 -17.89 -13.69
N LEU A 80 -11.96 -17.58 -12.89
CA LEU A 80 -11.01 -18.60 -12.46
C LEU A 80 -11.69 -19.66 -11.60
N VAL A 81 -12.54 -19.24 -10.67
CA VAL A 81 -13.26 -20.20 -9.84
C VAL A 81 -14.14 -21.09 -10.70
N ARG A 82 -14.89 -20.48 -11.63
CA ARG A 82 -15.75 -21.25 -12.53
C ARG A 82 -14.94 -22.28 -13.29
N GLN A 83 -13.84 -21.85 -13.91
CA GLN A 83 -13.03 -22.75 -14.73
C GLN A 83 -12.47 -23.90 -13.91
N LEU A 84 -11.83 -23.58 -12.78
CA LEU A 84 -11.18 -24.61 -11.97
C LEU A 84 -12.19 -25.61 -11.41
N VAL A 85 -13.34 -25.13 -10.95
CA VAL A 85 -14.34 -26.04 -10.39
C VAL A 85 -14.97 -26.89 -11.48
N PHE A 86 -15.23 -26.30 -12.66
CA PHE A 86 -16.05 -26.95 -13.67
C PHE A 86 -15.27 -27.85 -14.61
N SER A 87 -13.95 -27.66 -14.76
CA SER A 87 -13.19 -28.43 -15.73
C SER A 87 -12.73 -29.80 -15.21
N SER A 88 -13.37 -30.32 -14.16
CA SER A 88 -12.90 -31.54 -13.52
C SER A 88 -13.76 -32.77 -13.83
N VAL A 89 -14.82 -32.64 -14.63
CA VAL A 89 -15.73 -33.75 -14.85
C VAL A 89 -15.20 -34.63 -15.99
N ARG A 90 -15.69 -35.88 -16.01
CA ARG A 90 -15.33 -36.88 -17.02
C ARG A 90 -16.60 -37.34 -17.73
N PHE A 91 -16.43 -38.00 -18.88
CA PHE A 91 -17.54 -38.41 -19.73
C PHE A 91 -17.63 -39.92 -19.80
N ARG A 92 -18.86 -40.44 -19.79
CA ARG A 92 -19.12 -41.87 -19.88
C ARG A 92 -20.41 -42.11 -20.66
N TRP A 93 -20.57 -43.35 -21.12
CA TRP A 93 -21.82 -43.76 -21.73
C TRP A 93 -22.80 -44.25 -20.67
N GLN A 94 -24.01 -43.71 -20.69
CA GLN A 94 -25.05 -44.05 -19.72
C GLN A 94 -26.20 -44.74 -20.43
N ARG A 95 -26.66 -45.85 -19.88
CA ARG A 95 -27.78 -46.59 -20.43
C ARG A 95 -29.04 -46.28 -19.64
N LEU A 96 -30.18 -46.25 -20.35
CA LEU A 96 -31.48 -46.01 -19.74
C LEU A 96 -32.34 -47.25 -19.95
N ARG A 97 -33.04 -47.67 -18.89
CA ARG A 97 -33.95 -48.80 -18.93
C ARG A 97 -35.37 -48.29 -18.77
N ASP A 98 -36.17 -48.42 -19.82
CA ASP A 98 -37.56 -47.94 -19.84
C ASP A 98 -37.64 -46.47 -19.48
N GLY A 99 -36.76 -45.67 -20.09
CA GLY A 99 -36.69 -44.23 -19.86
C GLY A 99 -35.82 -43.80 -18.70
N LYS A 100 -35.94 -44.48 -17.56
CA LYS A 100 -35.13 -44.12 -16.41
C LYS A 100 -33.69 -44.56 -16.62
N PRO A 101 -32.71 -43.73 -16.25
CA PRO A 101 -31.31 -44.09 -16.46
C PRO A 101 -30.90 -45.30 -15.62
N SER A 102 -29.71 -45.81 -15.92
CA SER A 102 -29.21 -47.03 -15.30
C SER A 102 -27.68 -46.92 -15.21
N ASP A 103 -27.03 -48.05 -14.96
CA ASP A 103 -25.59 -48.07 -14.77
C ASP A 103 -24.86 -47.65 -16.05
N THR A 104 -23.69 -47.07 -15.87
CA THR A 104 -22.87 -46.60 -16.99
C THR A 104 -21.89 -47.68 -17.43
N PHE A 105 -21.29 -47.48 -18.61
CA PHE A 105 -20.35 -48.42 -19.17
C PHE A 105 -19.42 -47.69 -20.12
N GLY A 106 -18.20 -48.22 -20.25
CA GLY A 106 -17.23 -47.63 -21.13
C GLY A 106 -17.14 -48.32 -22.48
N SER A 107 -16.46 -47.66 -23.42
CA SER A 107 -16.28 -48.20 -24.76
C SER A 107 -15.07 -47.53 -25.39
N GLY A 108 -14.60 -48.12 -26.49
CA GLY A 108 -13.45 -47.59 -27.20
C GLY A 108 -13.72 -46.32 -27.99
N ASP A 109 -14.96 -45.82 -27.97
CA ASP A 109 -15.30 -44.61 -28.70
C ASP A 109 -14.95 -43.34 -27.93
N LEU A 110 -14.56 -43.45 -26.66
CA LEU A 110 -14.34 -42.29 -25.81
C LEU A 110 -12.87 -41.89 -25.69
N GLN A 111 -11.97 -42.61 -26.37
CA GLN A 111 -10.56 -42.21 -26.35
C GLN A 111 -10.35 -40.87 -27.03
N ILE A 112 -11.23 -40.49 -27.96
CA ILE A 112 -11.16 -39.16 -28.56
C ILE A 112 -11.46 -38.08 -27.51
N LEU A 113 -12.38 -38.36 -26.58
CA LEU A 113 -12.64 -37.41 -25.50
C LEU A 113 -11.55 -37.43 -24.45
N GLU A 114 -10.98 -38.61 -24.17
CA GLU A 114 -9.92 -38.69 -23.18
C GLU A 114 -8.68 -37.91 -23.60
N THR A 115 -8.36 -37.96 -24.90
CA THR A 115 -7.23 -37.21 -25.47
C THR A 115 -7.75 -36.42 -26.66
N PRO A 116 -8.32 -35.24 -26.43
CA PRO A 116 -8.88 -34.47 -27.55
C PRO A 116 -7.87 -34.08 -28.60
N TRP A 117 -6.60 -33.90 -28.23
CA TRP A 117 -5.56 -33.60 -29.19
C TRP A 117 -4.22 -34.07 -28.63
N LYS A 118 -3.23 -34.18 -29.52
CA LYS A 118 -1.90 -34.60 -29.11
C LYS A 118 -1.34 -33.63 -28.08
N GLY A 119 -0.99 -34.14 -26.91
CA GLY A 119 -0.52 -33.32 -25.82
C GLY A 119 -1.59 -32.72 -24.94
N GLY A 120 -2.88 -32.98 -25.25
CA GLY A 120 -3.97 -32.39 -24.52
C GLY A 120 -4.65 -33.37 -23.57
N THR A 121 -5.68 -32.85 -22.90
CA THR A 121 -6.43 -33.62 -21.91
C THR A 121 -7.85 -33.06 -21.89
N THR A 122 -8.77 -33.85 -21.33
CA THR A 122 -10.16 -33.42 -21.24
C THR A 122 -10.28 -32.10 -20.48
N GLN A 123 -9.48 -31.93 -19.41
CA GLN A 123 -9.51 -30.69 -18.65
C GLN A 123 -9.09 -29.50 -19.50
N ASP A 124 -8.06 -29.67 -20.33
CA ASP A 124 -7.58 -28.57 -21.17
C ASP A 124 -8.63 -28.12 -22.19
N MET A 125 -9.57 -28.99 -22.54
CA MET A 125 -10.64 -28.63 -23.47
C MET A 125 -11.85 -28.08 -22.74
N LEU A 126 -12.19 -28.65 -21.58
CA LEU A 126 -13.28 -28.13 -20.78
C LEU A 126 -13.01 -26.71 -20.32
N SER A 127 -11.78 -26.43 -19.86
CA SER A 127 -11.43 -25.10 -19.40
C SER A 127 -11.53 -24.09 -20.53
N ARG A 128 -11.01 -24.45 -21.72
CA ARG A 128 -11.06 -23.56 -22.86
C ARG A 128 -12.50 -23.27 -23.26
N MET A 129 -13.35 -24.29 -23.30
CA MET A 129 -14.76 -24.06 -23.66
C MET A 129 -15.46 -23.18 -22.64
N ILE A 130 -15.21 -23.41 -21.35
CA ILE A 130 -15.84 -22.59 -20.32
C ILE A 130 -15.41 -21.14 -20.46
N GLN A 131 -14.10 -20.91 -20.68
CA GLN A 131 -13.63 -19.54 -20.84
C GLN A 131 -14.23 -18.88 -22.08
N ASP A 132 -14.28 -19.59 -23.19
CA ASP A 132 -14.85 -19.03 -24.42
C ASP A 132 -16.33 -18.71 -24.24
N ALA A 133 -17.07 -19.59 -23.58
CA ALA A 133 -18.49 -19.35 -23.35
C ALA A 133 -18.70 -18.15 -22.42
N ASP A 134 -17.87 -18.02 -21.39
CA ASP A 134 -18.02 -16.91 -20.47
C ASP A 134 -17.61 -15.58 -21.10
N LEU A 135 -16.71 -15.63 -22.09
CA LEU A 135 -16.25 -14.39 -22.70
C LEU A 135 -17.13 -13.94 -23.87
N ALA A 136 -17.41 -14.83 -24.81
CA ALA A 136 -18.16 -14.47 -26.01
C ALA A 136 -19.53 -15.11 -26.12
N GLY A 137 -19.87 -16.05 -25.25
CA GLY A 137 -21.15 -16.72 -25.30
C GLY A 137 -21.24 -17.87 -26.27
N ASN A 138 -20.17 -18.17 -26.99
CA ASN A 138 -20.15 -19.27 -27.95
C ASN A 138 -18.80 -19.96 -27.91
N SER A 139 -18.76 -21.18 -28.44
CA SER A 139 -17.52 -21.95 -28.53
C SER A 139 -17.70 -23.00 -29.61
N TYR A 140 -16.92 -22.91 -30.68
CA TYR A 140 -17.04 -23.78 -31.83
C TYR A 140 -15.85 -24.73 -31.88
N TRP A 141 -16.14 -26.02 -31.94
CA TRP A 141 -15.12 -27.06 -32.05
C TRP A 141 -15.49 -28.04 -33.14
N THR A 142 -14.48 -28.64 -33.75
CA THR A 142 -14.71 -29.59 -34.84
C THR A 142 -13.57 -30.61 -34.84
N ILE A 143 -13.83 -31.74 -35.47
CA ILE A 143 -12.86 -32.82 -35.59
C ILE A 143 -12.15 -32.69 -36.92
N VAL A 144 -10.82 -32.65 -36.88
CA VAL A 144 -9.98 -32.55 -38.07
C VAL A 144 -8.98 -33.70 -38.03
N ASP A 145 -9.21 -34.71 -38.85
CA ASP A 145 -8.35 -35.90 -38.91
C ASP A 145 -8.22 -36.56 -37.54
N GLY A 146 -9.35 -36.67 -36.84
CA GLY A 146 -9.36 -37.34 -35.55
C GLY A 146 -8.82 -36.53 -34.39
N GLU A 147 -8.92 -35.20 -34.46
CA GLU A 147 -8.46 -34.33 -33.39
C GLU A 147 -9.40 -33.15 -33.26
N PHE A 148 -9.69 -32.75 -32.03
CA PHE A 148 -10.54 -31.60 -31.78
C PHE A 148 -9.77 -30.31 -32.01
N VAL A 149 -10.35 -29.41 -32.79
CA VAL A 149 -9.71 -28.15 -33.17
C VAL A 149 -10.64 -27.01 -32.81
N ARG A 150 -10.10 -25.99 -32.15
CA ARG A 150 -10.87 -24.82 -31.75
C ARG A 150 -10.92 -23.79 -32.88
N MET A 151 -12.05 -23.09 -32.95
CA MET A 151 -12.23 -21.98 -33.88
C MET A 151 -12.65 -20.76 -33.08
N ARG A 152 -12.01 -19.63 -33.36
CA ARG A 152 -12.26 -18.41 -32.59
C ARG A 152 -13.71 -17.97 -32.76
N PRO A 153 -14.43 -17.68 -31.67
CA PRO A 153 -15.86 -17.35 -31.79
C PRO A 153 -16.13 -16.09 -32.61
N ASP A 154 -15.25 -15.11 -32.58
CA ASP A 154 -15.50 -13.87 -33.31
C ASP A 154 -15.31 -14.03 -34.81
N TRP A 155 -14.71 -15.13 -35.26
CA TRP A 155 -14.50 -15.35 -36.68
C TRP A 155 -15.50 -16.33 -37.30
N VAL A 156 -16.44 -16.84 -36.53
CA VAL A 156 -17.36 -17.87 -36.99
C VAL A 156 -18.74 -17.27 -37.21
N ASP A 157 -19.35 -17.59 -38.34
CA ASP A 157 -20.71 -17.19 -38.67
C ASP A 157 -21.59 -18.42 -38.78
N VAL A 158 -22.89 -18.19 -38.94
CA VAL A 158 -23.88 -19.24 -39.08
C VAL A 158 -24.64 -19.02 -40.39
N VAL A 159 -24.73 -20.04 -41.22
CA VAL A 159 -25.41 -19.98 -42.50
C VAL A 159 -26.80 -20.60 -42.33
N VAL A 160 -27.82 -19.90 -42.82
CA VAL A 160 -29.21 -20.31 -42.64
C VAL A 160 -29.91 -20.32 -43.99
N GLU A 161 -31.08 -20.98 -44.00
CA GLU A 161 -31.89 -21.12 -45.20
C GLU A 161 -33.35 -20.98 -44.81
N GLU A 162 -34.16 -20.47 -45.74
CA GLU A 162 -35.58 -20.27 -45.47
C GLU A 162 -36.27 -21.61 -45.22
N ARG A 163 -37.26 -21.59 -44.32
CA ARG A 163 -38.04 -22.77 -43.98
C ARG A 163 -39.43 -22.64 -44.59
N MET A 164 -39.82 -23.60 -45.40
CA MET A 164 -41.10 -23.58 -46.11
C MET A 164 -42.00 -24.67 -45.55
N VAL A 165 -43.22 -24.30 -45.19
CA VAL A 165 -44.19 -25.24 -44.65
C VAL A 165 -44.77 -26.10 -45.77
N GLY A 174 -48.56 -21.51 -48.38
CA GLY A 174 -47.22 -21.75 -47.86
C GLY A 174 -46.39 -20.49 -47.68
N GLY A 175 -45.77 -20.36 -46.51
CA GLY A 175 -44.95 -19.21 -46.23
C GLY A 175 -43.78 -19.57 -45.34
N GLN A 176 -42.88 -18.61 -45.16
CA GLN A 176 -41.71 -18.82 -44.32
C GLN A 176 -42.11 -18.95 -42.87
N LEU A 177 -41.48 -19.89 -42.16
CA LEU A 177 -41.72 -20.14 -40.75
C LEU A 177 -40.39 -20.17 -40.00
N GLY A 178 -39.55 -19.18 -40.27
CA GLY A 178 -38.26 -19.06 -39.63
C GLY A 178 -37.12 -19.43 -40.56
N TRP A 179 -35.97 -19.68 -39.96
CA TRP A 179 -34.74 -20.00 -40.69
C TRP A 179 -34.22 -21.35 -40.23
N ARG A 180 -33.68 -22.12 -41.19
CA ARG A 180 -33.15 -23.44 -40.92
C ARG A 180 -31.63 -23.39 -40.87
N LYS A 181 -31.05 -24.01 -39.84
CA LYS A 181 -29.60 -24.01 -39.67
C LYS A 181 -28.97 -25.00 -40.64
N VAL A 182 -28.18 -24.50 -41.58
CA VAL A 182 -27.56 -25.34 -42.60
C VAL A 182 -26.16 -25.75 -42.17
N GLY A 183 -25.29 -24.77 -41.98
CA GLY A 183 -23.90 -25.06 -41.68
C GLY A 183 -23.20 -23.84 -41.11
N TYR A 184 -21.88 -23.94 -41.07
CA TYR A 184 -21.02 -22.90 -40.49
C TYR A 184 -20.10 -22.32 -41.56
N LEU A 185 -19.44 -21.22 -41.19
CA LEU A 185 -18.47 -20.57 -42.06
C LEU A 185 -17.39 -19.95 -41.20
N TYR A 186 -16.13 -20.16 -41.58
CA TYR A 186 -14.99 -19.69 -40.81
C TYR A 186 -13.99 -19.01 -41.75
N THR A 187 -13.36 -17.95 -41.25
CA THR A 187 -12.36 -17.22 -42.01
C THR A 187 -11.25 -16.76 -41.06
N GLU A 188 -10.00 -16.89 -41.52
CA GLU A 188 -8.85 -16.54 -40.69
C GLU A 188 -8.60 -15.04 -40.73
N GLY A 189 -8.38 -14.45 -39.55
CA GLY A 189 -8.05 -13.05 -39.45
C GLY A 189 -9.23 -12.10 -39.36
N GLY A 190 -10.45 -12.62 -39.45
CA GLY A 190 -11.65 -11.80 -39.37
C GLY A 190 -12.41 -11.79 -40.68
N ARG A 191 -13.60 -11.19 -40.61
CA ARG A 191 -14.47 -11.15 -41.78
C ARG A 191 -13.88 -10.33 -42.91
N GLN A 192 -13.26 -9.20 -42.60
CA GLN A 192 -12.70 -8.31 -43.60
C GLN A 192 -11.23 -8.63 -43.93
N SER A 193 -10.70 -9.72 -43.37
CA SER A 193 -9.30 -10.06 -43.60
C SER A 193 -9.01 -10.39 -45.06
N GLY A 194 -10.00 -10.82 -45.81
CA GLY A 194 -9.82 -11.14 -47.22
C GLY A 194 -9.41 -12.55 -47.53
N ASN A 195 -9.11 -13.36 -46.50
CA ASN A 195 -8.73 -14.74 -46.73
C ASN A 195 -9.93 -15.55 -47.22
N GLU A 196 -9.63 -16.69 -47.85
CA GLU A 196 -10.69 -17.53 -48.37
C GLU A 196 -11.47 -18.18 -47.23
N PRO A 197 -12.80 -18.08 -47.23
CA PRO A 197 -13.58 -18.70 -46.14
C PRO A 197 -13.57 -20.22 -46.25
N VAL A 198 -13.83 -20.86 -45.12
CA VAL A 198 -13.89 -22.31 -45.01
C VAL A 198 -15.25 -22.70 -44.46
N GLY A 199 -15.96 -23.58 -45.16
CA GLY A 199 -17.26 -24.02 -44.74
C GLY A 199 -17.22 -25.33 -43.95
N PHE A 200 -18.38 -25.70 -43.42
CA PHE A 200 -18.53 -26.92 -42.64
C PHE A 200 -19.96 -27.39 -42.75
N LEU A 201 -20.32 -28.36 -41.89
CA LEU A 201 -21.67 -28.87 -41.78
C LEU A 201 -22.14 -28.78 -40.33
N ALA A 202 -23.45 -28.57 -40.17
CA ALA A 202 -24.00 -28.38 -38.83
C ALA A 202 -23.92 -29.64 -37.97
N GLU A 203 -23.67 -30.79 -38.57
CA GLU A 203 -23.59 -32.04 -37.84
C GLU A 203 -22.15 -32.52 -37.61
N ASP A 204 -21.16 -31.66 -37.87
CA ASP A 204 -19.77 -31.95 -37.54
C ASP A 204 -19.12 -30.82 -36.75
N VAL A 205 -19.93 -29.92 -36.19
CA VAL A 205 -19.42 -28.77 -35.44
C VAL A 205 -20.13 -28.73 -34.09
N VAL A 206 -19.35 -28.61 -33.02
CA VAL A 206 -19.90 -28.52 -31.67
C VAL A 206 -20.18 -27.07 -31.35
N HIS A 207 -21.44 -26.76 -31.04
CA HIS A 207 -21.86 -25.40 -30.69
C HIS A 207 -22.29 -25.40 -29.24
N PHE A 208 -21.60 -24.60 -28.41
CA PHE A 208 -21.87 -24.51 -26.99
C PHE A 208 -22.38 -23.10 -26.67
N ALA A 209 -23.63 -23.02 -26.24
CA ALA A 209 -24.25 -21.75 -25.86
C ALA A 209 -25.25 -22.02 -24.73
N PRO A 210 -24.86 -21.80 -23.47
CA PRO A 210 -25.76 -22.14 -22.36
C PRO A 210 -26.81 -21.09 -22.09
N ILE A 211 -26.55 -19.83 -22.45
CA ILE A 211 -27.46 -18.73 -22.20
C ILE A 211 -28.08 -18.33 -23.54
N PRO A 212 -29.35 -18.65 -23.79
CA PRO A 212 -29.97 -18.26 -25.05
C PRO A 212 -30.17 -16.75 -25.14
N ASP A 213 -30.20 -16.26 -26.38
CA ASP A 213 -30.45 -14.86 -26.65
C ASP A 213 -31.86 -14.71 -27.20
N PRO A 214 -32.77 -14.01 -26.52
CA PRO A 214 -34.15 -13.92 -27.01
C PRO A 214 -34.27 -13.28 -28.38
N LEU A 215 -33.44 -12.31 -28.71
CA LEU A 215 -33.51 -11.64 -30.01
C LEU A 215 -32.69 -12.31 -31.09
N ALA A 216 -31.86 -13.30 -30.74
CA ALA A 216 -31.05 -14.02 -31.69
C ALA A 216 -31.66 -15.40 -31.96
N SER A 217 -31.74 -15.77 -33.24
CA SER A 217 -32.38 -17.02 -33.61
C SER A 217 -31.64 -18.24 -33.06
N TYR A 218 -30.30 -18.21 -33.13
CA TYR A 218 -29.51 -19.39 -32.75
C TYR A 218 -28.37 -19.11 -31.80
N ARG A 219 -27.82 -17.90 -31.75
CA ARG A 219 -26.65 -17.66 -30.93
C ARG A 219 -27.05 -17.50 -29.45
N GLY A 220 -26.02 -17.41 -28.60
CA GLY A 220 -26.19 -17.09 -27.20
C GLY A 220 -25.53 -15.76 -26.86
N MET A 221 -25.68 -15.38 -25.59
CA MET A 221 -25.14 -14.13 -25.09
C MET A 221 -24.30 -14.38 -23.85
N SER A 222 -23.28 -13.54 -23.66
CA SER A 222 -22.41 -13.61 -22.49
C SER A 222 -23.01 -12.83 -21.33
N TRP A 223 -22.74 -13.29 -20.12
CA TRP A 223 -23.32 -12.68 -18.92
C TRP A 223 -22.57 -11.45 -18.44
N LEU A 224 -21.48 -11.06 -19.13
CA LEU A 224 -20.75 -9.86 -18.74
C LEU A 224 -21.35 -8.59 -19.33
N THR A 225 -22.26 -8.69 -20.29
CA THR A 225 -22.84 -7.49 -20.91
C THR A 225 -23.65 -6.64 -19.94
N PRO A 226 -24.56 -7.17 -19.11
CA PRO A 226 -25.41 -6.28 -18.32
C PRO A 226 -24.71 -5.65 -17.11
N ILE A 227 -23.49 -6.05 -16.79
CA ILE A 227 -22.78 -5.54 -15.64
C ILE A 227 -21.58 -4.69 -16.04
N LEU A 228 -21.58 -4.16 -17.26
CA LEU A 228 -20.49 -3.30 -17.70
C LEU A 228 -20.46 -2.01 -16.90
N ARG A 229 -21.63 -1.50 -16.51
CA ARG A 229 -21.69 -0.27 -15.72
C ARG A 229 -20.97 -0.44 -14.39
N GLU A 230 -21.17 -1.58 -13.72
CA GLU A 230 -20.52 -1.83 -12.45
C GLU A 230 -19.00 -1.92 -12.61
N ILE A 231 -18.55 -2.58 -13.68
CA ILE A 231 -17.12 -2.70 -13.92
C ILE A 231 -16.50 -1.33 -14.16
N ARG A 232 -17.16 -0.50 -15.00
CA ARG A 232 -16.64 0.83 -15.27
C ARG A 232 -16.62 1.69 -14.00
N ALA A 233 -17.65 1.56 -13.17
CA ALA A 233 -17.66 2.29 -11.90
C ALA A 233 -16.53 1.84 -10.99
N ASP A 234 -16.26 0.54 -10.94
CA ASP A 234 -15.16 0.03 -10.13
C ASP A 234 -13.82 0.56 -10.63
N GLN A 235 -13.61 0.57 -11.94
CA GLN A 235 -12.37 1.13 -12.48
C GLN A 235 -12.25 2.62 -12.17
N ALA A 236 -13.36 3.36 -12.28
CA ALA A 236 -13.33 4.77 -11.94
C ALA A 236 -12.97 4.99 -10.47
N MET A 237 -13.53 4.16 -9.58
CA MET A 237 -13.20 4.27 -8.16
C MET A 237 -11.74 3.95 -7.91
N SER A 238 -11.21 2.92 -8.59
CA SER A 238 -9.79 2.59 -8.43
C SER A 238 -8.90 3.72 -8.91
N LYS A 239 -9.25 4.35 -10.04
CA LYS A 239 -8.45 5.46 -10.54
C LYS A 239 -8.53 6.66 -9.60
N HIS A 240 -9.71 6.92 -9.04
CA HIS A 240 -9.84 8.01 -8.07
C HIS A 240 -9.00 7.73 -6.82
N GLN A 241 -8.96 6.46 -6.40
CA GLN A 241 -8.09 6.07 -5.29
C GLN A 241 -6.62 6.31 -5.64
N ALA A 242 -6.21 5.94 -6.85
CA ALA A 242 -4.81 6.05 -7.23
C ALA A 242 -4.37 7.50 -7.40
N LYS A 243 -5.28 8.37 -7.86
CA LYS A 243 -4.91 9.76 -8.12
C LYS A 243 -4.50 10.53 -6.87
N PHE A 244 -4.89 10.07 -5.68
CA PHE A 244 -4.58 10.80 -4.46
C PHE A 244 -3.09 10.89 -4.21
N PHE A 245 -2.36 9.80 -4.45
CA PHE A 245 -0.93 9.75 -4.17
C PHE A 245 -0.08 10.39 -5.27
N ASP A 246 -0.69 10.83 -6.38
CA ASP A 246 0.05 11.45 -7.46
C ASP A 246 -0.32 12.91 -7.69
N ASN A 247 -1.54 13.32 -7.36
CA ASN A 247 -1.95 14.71 -7.52
C ASN A 247 -2.15 15.45 -6.21
N GLY A 248 -2.52 14.76 -5.13
CA GLY A 248 -2.76 15.41 -3.87
C GLY A 248 -1.49 15.58 -3.04
N ALA A 249 -1.53 16.56 -2.14
CA ALA A 249 -0.43 16.85 -1.25
C ALA A 249 -0.91 16.86 0.19
N THR A 250 -0.02 16.51 1.11
CA THR A 250 -0.34 16.43 2.54
C THR A 250 0.70 17.21 3.32
N VAL A 251 0.32 18.39 3.80
CA VAL A 251 1.21 19.21 4.59
C VAL A 251 0.99 18.92 6.07
N ASN A 252 2.02 19.17 6.88
CA ASN A 252 1.96 18.93 8.31
C ASN A 252 1.58 20.17 9.11
N LEU A 253 2.31 21.27 8.94
CA LEU A 253 2.07 22.50 9.67
C LEU A 253 1.87 23.64 8.68
N VAL A 254 0.89 24.49 8.98
CA VAL A 254 0.63 25.69 8.19
C VAL A 254 1.06 26.88 9.03
N ILE A 255 2.02 27.66 8.53
CA ILE A 255 2.61 28.76 9.26
C ILE A 255 2.24 30.06 8.57
N LYS A 256 1.77 31.03 9.36
CA LYS A 256 1.46 32.37 8.88
C LYS A 256 2.49 33.34 9.44
N HIS A 257 3.09 34.14 8.56
CA HIS A 257 4.19 35.01 8.93
C HIS A 257 3.74 36.46 9.05
N ASN A 258 4.57 37.25 9.72
CA ASN A 258 4.30 38.68 9.87
C ASN A 258 4.38 39.36 8.50
N PRO A 259 3.49 40.31 8.21
CA PRO A 259 3.50 40.94 6.88
C PRO A 259 4.81 41.65 6.55
N MET A 260 5.49 42.24 7.53
CA MET A 260 6.70 43.01 7.28
C MET A 260 7.97 42.16 7.32
N ALA A 261 7.83 40.84 7.49
CA ALA A 261 9.00 39.98 7.57
C ALA A 261 9.77 39.95 6.25
N ASP A 262 11.09 40.00 6.35
CA ASP A 262 11.96 39.96 5.17
C ASP A 262 11.95 38.55 4.58
N PRO A 263 11.66 38.40 3.28
CA PRO A 263 11.63 37.06 2.68
C PRO A 263 12.91 36.25 2.87
N ALA A 264 14.08 36.89 2.82
CA ALA A 264 15.32 36.18 3.12
C ALA A 264 15.35 35.71 4.58
N ALA A 265 14.90 36.57 5.49
CA ALA A 265 14.82 36.18 6.89
C ALA A 265 13.81 35.06 7.08
N VAL A 266 12.70 35.10 6.35
CA VAL A 266 11.71 34.03 6.44
C VAL A 266 12.30 32.72 5.95
N LYS A 267 13.07 32.76 4.85
CA LYS A 267 13.71 31.55 4.35
C LYS A 267 14.71 30.99 5.35
N LYS A 268 15.50 31.88 5.97
CA LYS A 268 16.45 31.44 6.99
C LYS A 268 15.72 30.78 8.16
N TRP A 269 14.65 31.42 8.64
CA TRP A 269 13.91 30.87 9.77
C TRP A 269 13.27 29.53 9.41
N ALA A 270 12.72 29.42 8.21
CA ALA A 270 12.11 28.17 7.78
C ALA A 270 13.14 27.06 7.69
N ASP A 271 14.33 27.35 7.14
CA ASP A 271 15.37 26.35 7.08
C ASP A 271 15.80 25.91 8.48
N GLU A 272 15.95 26.87 9.39
CA GLU A 272 16.36 26.53 10.75
C GLU A 272 15.32 25.64 11.45
N VAL A 273 14.04 26.03 11.36
CA VAL A 273 13.00 25.27 12.05
C VAL A 273 12.83 23.89 11.41
N ASN A 274 13.01 23.80 10.09
CA ASN A 274 12.94 22.50 9.44
C ASN A 274 14.10 21.60 9.87
N SER A 275 15.30 22.17 10.00
CA SER A 275 16.44 21.36 10.42
C SER A 275 16.34 20.96 11.88
N LYS A 276 15.67 21.76 12.71
CA LYS A 276 15.58 21.46 14.14
C LYS A 276 14.39 20.59 14.50
N HIS A 277 13.47 20.35 13.57
CA HIS A 277 12.24 19.60 13.86
C HIS A 277 11.97 18.57 12.77
N ALA A 278 13.01 17.89 12.29
CA ALA A 278 12.89 16.91 11.22
C ALA A 278 13.01 15.50 11.78
N GLY A 279 12.01 14.67 11.47
CA GLY A 279 12.06 13.27 11.82
C GLY A 279 11.76 13.00 13.28
N VAL A 280 11.86 11.72 13.65
CA VAL A 280 11.64 11.32 15.04
C VAL A 280 12.88 11.52 15.90
N ASP A 281 14.04 11.77 15.28
CA ASP A 281 15.23 12.05 16.07
C ASP A 281 15.08 13.36 16.83
N ASN A 282 14.69 14.42 16.13
CA ASN A 282 14.38 15.70 16.75
C ASN A 282 12.88 15.84 16.96
N ALA A 283 12.35 14.98 17.82
CA ALA A 283 10.91 14.88 18.04
C ALA A 283 10.54 15.34 19.46
N TRP A 284 9.26 15.67 19.62
CA TRP A 284 8.69 16.04 20.91
C TRP A 284 9.47 17.19 21.56
N LYS A 285 9.88 18.16 20.75
CA LYS A 285 10.58 19.34 21.22
C LYS A 285 9.62 20.51 21.34
N ASN A 286 10.17 21.69 21.62
CA ASN A 286 9.39 22.90 21.80
C ASN A 286 9.60 23.84 20.63
N LEU A 287 8.56 24.61 20.31
CA LEU A 287 8.59 25.55 19.20
C LEU A 287 8.41 26.97 19.73
N ASN A 288 9.34 27.85 19.35
CA ASN A 288 9.28 29.27 19.73
C ASN A 288 8.97 30.07 18.47
N LEU A 289 7.84 30.77 18.47
CA LEU A 289 7.43 31.59 17.34
C LEU A 289 7.65 33.05 17.66
N TYR A 290 8.24 33.79 16.71
CA TYR A 290 8.47 35.20 16.91
C TYR A 290 7.14 35.95 16.94
N PRO A 291 7.09 37.11 17.60
CA PRO A 291 5.82 37.87 17.68
C PRO A 291 5.30 38.22 16.30
N GLY A 292 4.04 37.91 16.06
CA GLY A 292 3.42 38.11 14.77
C GLY A 292 3.33 36.89 13.89
N ALA A 293 3.79 35.73 14.36
CA ALA A 293 3.75 34.50 13.61
C ALA A 293 2.77 33.52 14.24
N ASP A 294 2.15 32.69 13.40
CA ASP A 294 1.16 31.72 13.84
C ASP A 294 1.45 30.37 13.18
N ALA A 295 0.96 29.31 13.83
CA ALA A 295 1.11 27.97 13.30
C ALA A 295 -0.16 27.19 13.58
N GLU A 296 -0.65 26.48 12.56
CA GLU A 296 -1.86 25.67 12.67
C GLU A 296 -1.56 24.23 12.29
N VAL A 297 -2.49 23.34 12.60
CA VAL A 297 -2.39 21.92 12.26
C VAL A 297 -3.57 21.57 11.37
N VAL A 298 -3.27 21.27 10.10
CA VAL A 298 -4.29 20.92 9.12
C VAL A 298 -3.80 19.71 8.33
N GLY A 299 -4.42 18.57 8.57
CA GLY A 299 -4.13 17.35 7.84
C GLY A 299 -5.03 17.17 6.64
N SER A 300 -5.00 15.97 6.07
CA SER A 300 -5.84 15.62 4.93
C SER A 300 -6.96 14.69 5.41
N ASN A 301 -8.20 15.05 5.07
CA ASN A 301 -9.37 14.28 5.49
C ASN A 301 -9.42 13.01 4.66
N LEU A 302 -9.31 11.87 5.33
CA LEU A 302 -9.32 10.57 4.68
C LEU A 302 -10.72 10.07 4.34
N GLN A 303 -11.76 10.71 4.88
CA GLN A 303 -13.12 10.27 4.59
C GLN A 303 -13.46 10.39 3.11
N GLU A 304 -12.77 11.26 2.38
CA GLU A 304 -13.01 11.36 0.94
C GLU A 304 -12.64 10.07 0.22
N ILE A 305 -11.50 9.47 0.58
CA ILE A 305 -11.05 8.23 -0.06
C ILE A 305 -11.65 7.08 0.74
N ASP A 306 -12.91 6.78 0.44
CA ASP A 306 -13.61 5.65 1.07
C ASP A 306 -14.84 5.34 0.22
N PHE A 307 -14.91 4.11 -0.31
CA PHE A 307 -16.02 3.70 -1.14
C PHE A 307 -16.49 2.29 -0.80
N LYS A 308 -16.46 1.94 0.49
CA LYS A 308 -16.72 0.56 0.90
C LYS A 308 -18.11 0.11 0.50
N ASN A 309 -19.12 0.94 0.74
CA ASN A 309 -20.49 0.52 0.47
C ASN A 309 -20.74 0.33 -1.02
N VAL A 310 -20.38 1.33 -1.83
CA VAL A 310 -20.68 1.26 -3.26
C VAL A 310 -19.84 0.20 -3.95
N ARG A 311 -18.55 0.12 -3.60
CA ARG A 311 -17.69 -0.91 -4.17
C ARG A 311 -18.15 -2.30 -3.77
N GLY A 312 -18.57 -2.47 -2.52
CA GLY A 312 -19.11 -3.75 -2.09
C GLY A 312 -20.37 -4.12 -2.82
N GLY A 313 -21.27 -3.16 -3.04
CA GLY A 313 -22.45 -3.43 -3.84
C GLY A 313 -22.12 -3.83 -5.25
N GLY A 314 -21.14 -3.16 -5.87
CA GLY A 314 -20.71 -3.54 -7.20
C GLY A 314 -20.15 -4.95 -7.23
N GLU A 315 -19.33 -5.30 -6.25
CA GLU A 315 -18.79 -6.67 -6.18
C GLU A 315 -19.91 -7.69 -6.00
N THR A 316 -20.90 -7.37 -5.16
CA THR A 316 -22.02 -8.29 -4.96
C THR A 316 -22.78 -8.51 -6.27
N ARG A 317 -23.03 -7.43 -7.01
CA ARG A 317 -23.75 -7.57 -8.28
C ARG A 317 -22.94 -8.36 -9.30
N ILE A 318 -21.63 -8.12 -9.37
CA ILE A 318 -20.78 -8.88 -10.29
C ILE A 318 -20.79 -10.35 -9.93
N ALA A 319 -20.67 -10.66 -8.63
CA ALA A 319 -20.69 -12.06 -8.19
C ALA A 319 -22.03 -12.72 -8.50
N ALA A 320 -23.13 -12.00 -8.28
CA ALA A 320 -24.45 -12.55 -8.58
C ALA A 320 -24.59 -12.82 -10.07
N ALA A 321 -24.11 -11.91 -10.92
CA ALA A 321 -24.14 -12.15 -12.35
C ALA A 321 -23.29 -13.35 -12.73
N ALA A 322 -22.14 -13.52 -12.08
CA ALA A 322 -21.28 -14.66 -12.35
C ALA A 322 -21.84 -15.97 -11.85
N GLY A 323 -22.88 -15.95 -11.01
CA GLY A 323 -23.48 -17.17 -10.53
C GLY A 323 -22.71 -17.87 -9.44
N VAL A 324 -21.80 -17.17 -8.77
CA VAL A 324 -20.97 -17.76 -7.73
C VAL A 324 -21.19 -17.01 -6.42
N PRO A 325 -21.39 -17.69 -5.29
CA PRO A 325 -21.53 -17.01 -4.01
C PRO A 325 -20.28 -16.20 -3.68
N PRO A 326 -20.44 -15.03 -3.07
CA PRO A 326 -19.27 -14.17 -2.82
C PRO A 326 -18.19 -14.80 -1.95
N VAL A 327 -18.58 -15.60 -0.96
CA VAL A 327 -17.60 -16.16 -0.03
C VAL A 327 -16.67 -17.15 -0.74
N ILE A 328 -17.21 -17.91 -1.69
CA ILE A 328 -16.37 -18.85 -2.44
C ILE A 328 -15.33 -18.10 -3.25
N VAL A 329 -15.73 -17.00 -3.91
CA VAL A 329 -14.77 -16.16 -4.60
C VAL A 329 -13.80 -15.53 -3.60
N GLY A 330 -14.30 -15.14 -2.44
CA GLY A 330 -13.50 -14.54 -1.39
C GLY A 330 -13.70 -13.05 -1.22
N LEU A 331 -14.45 -12.41 -2.12
CA LEU A 331 -14.64 -10.96 -2.08
C LEU A 331 -15.40 -10.52 -0.83
N SER A 332 -14.72 -9.79 0.06
CA SER A 332 -15.43 -9.08 1.12
C SER A 332 -16.18 -7.90 0.54
N GLU A 333 -17.45 -7.76 0.94
CA GLU A 333 -18.33 -6.78 0.33
C GLU A 333 -19.13 -6.10 1.43
N GLY A 334 -18.84 -4.83 1.69
CA GLY A 334 -19.51 -4.07 2.72
C GLY A 334 -19.13 -4.42 4.13
N LEU A 335 -18.54 -5.58 4.36
CA LEU A 335 -18.06 -6.02 5.67
C LEU A 335 -16.54 -5.98 5.70
N ALA A 336 -16.00 -6.12 6.91
CA ALA A 336 -14.55 -6.16 7.06
C ALA A 336 -13.96 -7.35 6.33
N ALA A 337 -14.57 -8.53 6.48
CA ALA A 337 -14.09 -9.74 5.83
C ALA A 337 -15.27 -10.67 5.61
N ALA A 338 -15.00 -11.75 4.88
CA ALA A 338 -16.02 -12.75 4.57
C ALA A 338 -15.99 -13.85 5.63
N THR A 339 -17.18 -14.30 6.02
CA THR A 339 -17.33 -15.32 7.04
C THR A 339 -17.41 -16.70 6.38
N TYR A 340 -16.46 -17.57 6.70
CA TYR A 340 -16.41 -18.92 6.15
C TYR A 340 -17.25 -19.91 6.96
N SER A 341 -18.16 -19.42 7.80
CA SER A 341 -18.97 -20.31 8.63
C SER A 341 -20.03 -21.02 7.80
N ASN A 342 -20.62 -20.34 6.82
CA ASN A 342 -21.63 -20.91 5.95
C ASN A 342 -21.05 -21.46 4.65
N TYR A 343 -19.80 -21.93 4.69
CA TYR A 343 -19.16 -22.43 3.48
C TYR A 343 -19.85 -23.67 2.95
N GLY A 344 -20.36 -24.54 3.83
CA GLY A 344 -21.08 -25.71 3.35
C GLY A 344 -22.33 -25.33 2.56
N GLN A 345 -23.12 -24.39 3.10
CA GLN A 345 -24.30 -23.92 2.39
C GLN A 345 -23.92 -23.24 1.08
N ALA A 346 -22.86 -22.43 1.10
CA ALA A 346 -22.42 -21.76 -0.13
C ALA A 346 -21.99 -22.77 -1.19
N ARG A 347 -21.24 -23.80 -0.78
CA ARG A 347 -20.80 -24.83 -1.71
C ARG A 347 -21.98 -25.59 -2.29
N ARG A 348 -22.96 -25.95 -1.44
CA ARG A 348 -24.14 -26.63 -1.95
C ARG A 348 -24.91 -25.75 -2.94
N ARG A 349 -25.06 -24.46 -2.61
CA ARG A 349 -25.71 -23.54 -3.52
C ARG A 349 -25.01 -23.48 -4.86
N LEU A 350 -23.69 -23.25 -4.84
CA LEU A 350 -22.93 -23.17 -6.08
C LEU A 350 -23.09 -24.44 -6.90
N ALA A 351 -22.81 -25.59 -6.28
CA ALA A 351 -22.86 -26.86 -7.00
C ALA A 351 -24.24 -27.07 -7.63
N ASP A 352 -25.28 -27.14 -6.80
CA ASP A 352 -26.61 -27.48 -7.30
C ASP A 352 -27.11 -26.45 -8.32
N GLY A 353 -26.89 -25.16 -8.05
CA GLY A 353 -27.40 -24.13 -8.93
C GLY A 353 -26.73 -24.10 -10.28
N THR A 354 -25.40 -24.29 -10.32
CA THR A 354 -24.69 -23.99 -11.56
C THR A 354 -23.96 -25.19 -12.15
N ALA A 355 -23.29 -26.01 -11.35
CA ALA A 355 -22.35 -26.99 -11.91
C ALA A 355 -23.09 -28.08 -12.67
N HIS A 356 -24.11 -28.67 -12.06
CA HIS A 356 -24.81 -29.79 -12.70
C HIS A 356 -25.50 -29.39 -14.01
N PRO A 357 -26.29 -28.32 -14.07
CA PRO A 357 -26.89 -27.96 -15.37
C PRO A 357 -25.88 -27.67 -16.46
N LEU A 358 -24.75 -27.04 -16.11
CA LEU A 358 -23.72 -26.77 -17.12
C LEU A 358 -23.11 -28.05 -17.66
N TRP A 359 -22.83 -29.01 -16.78
CA TRP A 359 -22.31 -30.30 -17.23
C TRP A 359 -23.32 -31.03 -18.11
N GLN A 360 -24.60 -30.96 -17.72
CA GLN A 360 -25.64 -31.60 -18.52
C GLN A 360 -25.71 -30.98 -19.93
N ASN A 361 -25.68 -29.65 -19.99
CA ASN A 361 -25.72 -28.98 -21.29
C ASN A 361 -24.50 -29.30 -22.13
N LEU A 362 -23.32 -29.33 -21.50
CA LEU A 362 -22.10 -29.67 -22.22
C LEU A 362 -22.17 -31.08 -22.79
N SER A 363 -22.64 -32.04 -21.98
CA SER A 363 -22.79 -33.41 -22.47
C SER A 363 -23.77 -33.48 -23.62
N GLY A 364 -24.89 -32.73 -23.52
CA GLY A 364 -25.85 -32.72 -24.61
C GLY A 364 -25.26 -32.17 -25.90
N CYS A 365 -24.49 -31.09 -25.81
CA CYS A 365 -23.85 -30.55 -27.01
C CYS A 365 -22.83 -31.53 -27.59
N ILE A 366 -22.03 -32.16 -26.74
CA ILE A 366 -21.01 -33.08 -27.23
C ILE A 366 -21.64 -34.32 -27.87
N GLY A 367 -22.82 -34.74 -27.39
CA GLY A 367 -23.42 -35.97 -27.89
C GLY A 367 -23.79 -35.95 -29.35
N HIS A 368 -23.85 -34.76 -29.97
CA HIS A 368 -24.25 -34.69 -31.38
C HIS A 368 -23.20 -35.29 -32.30
N VAL A 369 -21.93 -34.92 -32.11
CA VAL A 369 -20.86 -35.36 -33.01
C VAL A 369 -20.43 -36.80 -32.77
N MET A 370 -20.98 -37.46 -31.76
CA MET A 370 -20.57 -38.82 -31.44
C MET A 370 -21.30 -39.81 -32.35
N PRO A 371 -20.74 -41.01 -32.54
CA PRO A 371 -21.47 -42.04 -33.28
C PRO A 371 -22.77 -42.40 -32.59
N ASP A 372 -23.77 -42.76 -33.40
CA ASP A 372 -25.10 -43.08 -32.89
C ASP A 372 -25.06 -44.46 -32.26
N MET A 373 -24.93 -44.50 -30.92
CA MET A 373 -24.91 -45.77 -30.22
C MET A 373 -26.27 -46.48 -30.32
N GLY A 374 -27.36 -45.73 -30.23
CA GLY A 374 -28.68 -46.29 -30.32
C GLY A 374 -29.74 -45.37 -29.74
N PRO A 375 -30.94 -45.91 -29.52
CA PRO A 375 -32.02 -45.12 -28.93
C PRO A 375 -32.05 -45.11 -27.40
N ASP A 376 -31.18 -45.87 -26.74
CA ASP A 376 -31.15 -45.95 -25.29
C ASP A 376 -29.87 -45.37 -24.71
N VAL A 377 -28.71 -45.71 -25.28
CA VAL A 377 -27.44 -45.21 -24.74
C VAL A 377 -27.27 -43.75 -25.14
N ARG A 378 -27.00 -42.90 -24.15
CA ARG A 378 -26.75 -41.49 -24.38
C ARG A 378 -25.52 -41.07 -23.58
N LEU A 379 -24.77 -40.12 -24.14
CA LEU A 379 -23.58 -39.62 -23.46
C LEU A 379 -23.98 -38.84 -22.21
N TRP A 380 -23.27 -39.09 -21.11
CA TRP A 380 -23.60 -38.46 -19.83
C TRP A 380 -22.31 -38.29 -19.04
N TYR A 381 -22.22 -37.17 -18.31
CA TYR A 381 -21.02 -36.89 -17.55
C TYR A 381 -20.92 -37.78 -16.32
N ASP A 382 -19.69 -37.98 -15.86
CA ASP A 382 -19.42 -38.74 -14.65
C ASP A 382 -18.48 -37.93 -13.76
N ALA A 383 -18.88 -37.72 -12.50
CA ALA A 383 -18.10 -36.92 -11.57
C ALA A 383 -18.04 -37.59 -10.20
N ASP A 384 -17.81 -38.90 -10.18
CA ASP A 384 -17.73 -39.64 -8.92
C ASP A 384 -16.37 -39.54 -8.25
N ASP A 385 -15.37 -38.95 -8.90
CA ASP A 385 -14.03 -38.82 -8.35
C ASP A 385 -13.62 -37.36 -8.25
N VAL A 386 -14.58 -36.50 -7.96
CA VAL A 386 -14.34 -35.07 -7.75
C VAL A 386 -14.48 -34.78 -6.26
N PRO A 387 -13.42 -34.33 -5.58
CA PRO A 387 -13.53 -34.07 -4.14
C PRO A 387 -14.53 -32.97 -3.79
N PHE A 388 -14.87 -32.10 -4.76
CA PHE A 388 -15.82 -31.03 -4.51
C PHE A 388 -17.21 -31.52 -4.18
N LEU A 389 -17.53 -32.78 -4.50
CA LEU A 389 -18.88 -33.31 -4.37
C LEU A 389 -18.94 -34.51 -3.42
N ARG A 390 -18.15 -34.50 -2.35
CA ARG A 390 -18.12 -35.63 -1.43
C ARG A 390 -19.36 -35.63 -0.53
N GLU A 391 -19.85 -34.44 -0.15
CA GLU A 391 -20.98 -34.37 0.77
C GLU A 391 -22.25 -34.89 0.13
N ASP A 392 -22.45 -34.63 -1.16
CA ASP A 392 -23.61 -35.16 -1.86
C ASP A 392 -23.58 -36.68 -1.91
N GLU A 393 -22.40 -37.26 -2.15
CA GLU A 393 -22.27 -38.71 -2.12
C GLU A 393 -22.56 -39.25 -0.73
N LYS A 394 -22.10 -38.56 0.31
CA LYS A 394 -22.43 -38.94 1.68
C LYS A 394 -23.94 -38.99 1.89
N ASP A 395 -24.63 -37.91 1.50
CA ASP A 395 -26.07 -37.84 1.70
C ASP A 395 -26.78 -38.94 0.90
N ALA A 396 -26.34 -39.19 -0.33
CA ALA A 396 -26.90 -40.28 -1.12
C ALA A 396 -26.69 -41.62 -0.44
N ALA A 397 -25.53 -41.82 0.20
CA ALA A 397 -25.28 -43.06 0.92
C ALA A 397 -26.24 -43.24 2.08
N ASP A 398 -26.46 -42.17 2.85
CA ASP A 398 -27.43 -42.27 3.95
C ASP A 398 -28.84 -42.55 3.42
N ILE A 399 -29.23 -41.90 2.33
CA ILE A 399 -30.57 -42.11 1.78
C ILE A 399 -30.72 -43.55 1.27
N GLN A 400 -29.67 -44.08 0.65
CA GLN A 400 -29.70 -45.46 0.19
C GLN A 400 -29.80 -46.43 1.36
N LYS A 401 -29.08 -46.15 2.45
CA LYS A 401 -29.22 -46.96 3.65
C LYS A 401 -30.64 -46.91 4.20
N VAL A 402 -31.27 -45.74 4.18
CA VAL A 402 -32.65 -45.62 4.64
C VAL A 402 -33.57 -46.48 3.78
N ARG A 403 -33.39 -46.43 2.45
CA ARG A 403 -34.19 -47.28 1.57
C ARG A 403 -33.96 -48.75 1.86
N ALA A 404 -32.70 -49.14 2.11
CA ALA A 404 -32.40 -50.54 2.41
C ALA A 404 -33.10 -50.99 3.69
N GLU A 405 -33.06 -50.15 4.72
CA GLU A 405 -33.75 -50.47 5.98
C GLU A 405 -35.25 -50.61 5.75
N THR A 406 -35.84 -49.70 4.98
CA THR A 406 -37.27 -49.77 4.71
C THR A 406 -37.62 -51.04 3.95
N ILE A 407 -36.81 -51.40 2.95
CA ILE A 407 -37.05 -52.60 2.16
C ILE A 407 -36.96 -53.84 3.04
N ASN A 408 -35.94 -53.92 3.88
CA ASN A 408 -35.79 -55.09 4.75
C ASN A 408 -36.97 -55.19 5.71
N THR A 409 -37.38 -54.07 6.30
CA THR A 409 -38.52 -54.09 7.22
C THR A 409 -39.80 -54.53 6.52
N LEU A 410 -40.00 -54.05 5.29
CA LEU A 410 -41.22 -54.42 4.55
C LEU A 410 -41.21 -55.90 4.18
N ILE A 411 -40.06 -56.43 3.74
CA ILE A 411 -40.00 -57.84 3.38
C ILE A 411 -40.18 -58.72 4.61
N THR A 412 -39.58 -58.33 5.74
CA THR A 412 -39.67 -59.14 6.95
C THR A 412 -41.12 -59.32 7.40
N ALA A 413 -41.97 -58.32 7.18
CA ALA A 413 -43.37 -58.44 7.57
C ALA A 413 -44.10 -59.54 6.82
N GLY A 414 -43.60 -59.95 5.65
CA GLY A 414 -44.22 -60.98 4.87
C GLY A 414 -44.79 -60.56 3.52
N TYR A 415 -44.24 -59.54 2.89
CA TYR A 415 -44.73 -59.07 1.60
C TYR A 415 -43.88 -59.63 0.46
N GLU A 416 -44.48 -59.66 -0.72
CA GLU A 416 -43.80 -60.20 -1.89
C GLU A 416 -42.65 -59.27 -2.28
N PRO A 417 -41.44 -59.79 -2.49
CA PRO A 417 -40.28 -58.89 -2.67
C PRO A 417 -40.38 -57.92 -3.83
N ASP A 418 -40.86 -58.36 -5.00
CA ASP A 418 -40.97 -57.43 -6.12
C ASP A 418 -42.01 -56.35 -5.86
N SER A 419 -43.10 -56.69 -5.17
CA SER A 419 -44.07 -55.67 -4.78
C SER A 419 -43.44 -54.64 -3.85
N VAL A 420 -42.59 -55.10 -2.93
CA VAL A 420 -41.87 -54.17 -2.05
C VAL A 420 -40.95 -53.27 -2.86
N VAL A 421 -40.23 -53.84 -3.83
CA VAL A 421 -39.32 -53.04 -4.66
C VAL A 421 -40.11 -51.98 -5.41
N ALA A 422 -41.24 -52.37 -6.00
CA ALA A 422 -42.07 -51.42 -6.73
C ALA A 422 -42.61 -50.32 -5.81
N ALA A 423 -43.05 -50.70 -4.61
CA ALA A 423 -43.60 -49.72 -3.69
C ALA A 423 -42.54 -48.69 -3.27
N VAL A 424 -41.32 -49.15 -2.99
CA VAL A 424 -40.25 -48.22 -2.62
C VAL A 424 -39.78 -47.40 -3.82
N ASN A 425 -39.79 -47.95 -5.02
CA ASN A 425 -39.40 -47.20 -6.20
C ASN A 425 -40.45 -46.23 -6.69
N SER A 426 -41.70 -46.37 -6.25
CA SER A 426 -42.78 -45.49 -6.66
C SER A 426 -43.44 -44.73 -5.52
N GLY A 427 -43.18 -45.10 -4.27
CA GLY A 427 -43.79 -44.42 -3.14
C GLY A 427 -45.29 -44.60 -3.11
N ASP A 428 -45.77 -45.82 -3.35
CA ASP A 428 -47.20 -46.12 -3.38
C ASP A 428 -47.40 -47.43 -2.65
N LEU A 429 -48.06 -47.38 -1.49
CA LEU A 429 -48.28 -48.58 -0.70
C LEU A 429 -49.37 -49.47 -1.27
N ARG A 430 -50.22 -48.94 -2.17
CA ARG A 430 -51.28 -49.76 -2.76
C ARG A 430 -50.71 -50.86 -3.64
N LEU A 431 -49.54 -50.64 -4.24
CA LEU A 431 -48.93 -51.65 -5.09
C LEU A 431 -48.37 -52.83 -4.31
N LEU A 432 -48.31 -52.74 -2.98
CA LEU A 432 -47.83 -53.86 -2.17
C LEU A 432 -48.75 -55.06 -2.29
N LYS A 433 -48.15 -56.25 -2.27
CA LYS A 433 -48.88 -57.50 -2.32
C LYS A 433 -48.39 -58.40 -1.19
N HIS A 434 -49.34 -59.00 -0.47
CA HIS A 434 -49.04 -59.88 0.64
C HIS A 434 -49.09 -61.33 0.15
N THR A 435 -48.03 -62.08 0.47
CA THR A 435 -48.02 -63.50 0.10
C THR A 435 -49.14 -64.25 0.80
N GLY A 436 -49.40 -63.92 2.07
CA GLY A 436 -50.40 -64.63 2.84
C GLY A 436 -49.74 -65.31 4.02
N LEU A 437 -48.52 -64.88 4.34
CA LEU A 437 -47.70 -65.55 5.33
C LEU A 437 -47.08 -64.50 6.24
N THR A 438 -46.79 -64.90 7.48
CA THR A 438 -46.18 -64.02 8.45
C THR A 438 -45.02 -64.73 9.15
N SER A 439 -44.04 -63.94 9.59
CA SER A 439 -42.86 -64.44 10.25
C SER A 439 -43.01 -64.47 11.77
N VAL A 440 -44.24 -64.44 12.27
CA VAL A 440 -44.52 -64.50 13.71
C VAL A 440 -45.50 -65.63 13.95
N GLN A 441 -45.28 -66.37 15.04
CA GLN A 441 -46.11 -67.52 15.37
C GLN A 441 -47.39 -67.02 16.02
N LEU A 442 -48.46 -66.92 15.22
CA LEU A 442 -49.75 -66.53 15.74
C LEU A 442 -50.46 -67.71 16.38
N LEU A 443 -51.38 -67.41 17.30
CA LEU A 443 -52.13 -68.43 18.01
C LEU A 443 -53.60 -68.08 18.01
N PRO A 444 -54.48 -69.06 17.79
CA PRO A 444 -55.93 -68.80 17.85
C PRO A 444 -56.38 -68.25 19.19
N PRO A 445 -55.79 -68.68 20.33
CA PRO A 445 -56.29 -67.96 21.51
C PRO A 445 -55.64 -66.59 21.69
N PRO B 43 -1.04 -12.92 -28.07
CA PRO B 43 -1.12 -12.12 -29.30
C PRO B 43 0.27 -11.74 -29.83
N ARG B 44 1.16 -12.72 -29.92
CA ARG B 44 2.53 -12.49 -30.38
C ARG B 44 2.84 -13.26 -31.67
N ILE B 45 1.82 -13.46 -32.52
CA ILE B 45 2.03 -14.16 -33.78
C ILE B 45 2.83 -13.27 -34.72
N GLN B 46 3.90 -13.83 -35.29
CA GLN B 46 4.74 -13.11 -36.24
C GLN B 46 5.32 -14.11 -37.23
N GLN B 47 5.79 -13.59 -38.36
CA GLN B 47 6.33 -14.42 -39.43
C GLN B 47 7.79 -14.08 -39.66
N THR B 48 8.58 -15.12 -39.93
CA THR B 48 10.01 -14.99 -40.18
C THR B 48 10.28 -15.14 -41.68
N LEU B 49 11.10 -14.25 -42.22
CA LEU B 49 11.38 -14.26 -43.66
C LEU B 49 12.09 -15.53 -44.10
N ALA B 50 12.77 -16.22 -43.19
CA ALA B 50 13.49 -17.45 -43.52
C ALA B 50 13.27 -18.53 -42.48
N GLY B 51 12.19 -18.44 -41.71
CA GLY B 51 11.91 -19.40 -40.67
C GLY B 51 10.42 -19.56 -40.41
N PRO B 52 10.05 -20.65 -39.75
CA PRO B 52 8.64 -20.86 -39.40
C PRO B 52 8.16 -19.82 -38.40
N SER B 53 6.86 -19.52 -38.48
CA SER B 53 6.27 -18.53 -37.59
C SER B 53 6.41 -18.95 -36.14
N THR B 54 6.79 -18.00 -35.29
CA THR B 54 7.00 -18.23 -33.87
C THR B 54 6.18 -17.24 -33.05
N GLU B 55 5.55 -17.73 -31.99
CA GLU B 55 4.81 -16.88 -31.07
C GLU B 55 5.74 -16.41 -29.96
N LEU B 56 5.92 -15.11 -29.83
CA LEU B 56 6.95 -14.56 -28.96
C LEU B 56 6.55 -14.68 -27.49
N ALA B 57 7.54 -14.48 -26.64
CA ALA B 57 7.42 -14.51 -25.19
C ALA B 57 7.64 -13.12 -24.61
N PRO B 58 7.07 -12.83 -23.43
CA PRO B 58 7.20 -11.48 -22.87
C PRO B 58 8.41 -11.34 -21.97
N ASP B 59 8.65 -10.11 -21.49
CA ASP B 59 9.71 -9.84 -20.54
C ASP B 59 9.20 -9.38 -19.19
N THR B 60 7.91 -9.54 -18.90
CA THR B 60 7.36 -9.09 -17.62
C THR B 60 7.76 -10.02 -16.48
N PHE B 61 8.40 -11.14 -16.79
CA PHE B 61 8.84 -12.08 -15.77
C PHE B 61 9.78 -11.42 -14.77
N VAL B 62 10.82 -10.75 -15.26
CA VAL B 62 11.81 -10.13 -14.38
C VAL B 62 11.17 -9.03 -13.56
N GLY B 63 10.37 -8.18 -14.20
CA GLY B 63 9.74 -7.09 -13.48
C GLY B 63 8.81 -7.58 -12.39
N LEU B 64 7.99 -8.59 -12.71
CA LEU B 64 7.09 -9.16 -11.70
C LEU B 64 7.89 -9.77 -10.56
N ALA B 65 8.93 -10.54 -10.88
CA ALA B 65 9.70 -11.19 -9.83
C ALA B 65 10.38 -10.19 -8.92
N THR B 66 10.85 -9.07 -9.48
CA THR B 66 11.57 -8.09 -8.67
C THR B 66 10.66 -7.09 -7.97
N GLN B 67 9.42 -6.92 -8.43
CA GLN B 67 8.54 -5.91 -7.85
C GLN B 67 7.37 -6.47 -7.06
N ALA B 68 7.12 -7.78 -7.11
CA ALA B 68 6.03 -8.38 -6.33
C ALA B 68 6.51 -9.44 -5.37
N TYR B 69 7.34 -10.38 -5.83
CA TYR B 69 7.80 -11.45 -4.96
C TYR B 69 8.77 -10.94 -3.90
N GLN B 70 9.67 -10.04 -4.28
CA GLN B 70 10.70 -9.54 -3.38
C GLN B 70 10.41 -8.15 -2.85
N ALA B 71 9.19 -7.63 -3.05
CA ALA B 71 8.87 -6.29 -2.60
C ALA B 71 7.51 -6.16 -1.93
N ASN B 72 6.72 -7.23 -1.84
CA ASN B 72 5.40 -7.16 -1.24
C ASN B 72 5.23 -8.28 -0.24
N GLY B 73 4.49 -7.99 0.84
CA GLY B 73 4.24 -8.94 1.89
C GLY B 73 3.16 -9.94 1.57
N PRO B 74 1.93 -9.48 1.35
CA PRO B 74 0.83 -10.41 1.06
C PRO B 74 1.08 -11.31 -0.15
N VAL B 75 1.64 -10.77 -1.23
CA VAL B 75 1.87 -11.58 -2.42
C VAL B 75 2.87 -12.68 -2.13
N PHE B 76 3.97 -12.33 -1.44
CA PHE B 76 4.95 -13.33 -1.05
C PHE B 76 4.33 -14.39 -0.14
N ALA B 77 3.48 -13.96 0.80
CA ALA B 77 2.86 -14.91 1.71
C ALA B 77 1.96 -15.90 0.97
N CYS B 78 1.10 -15.40 0.08
CA CYS B 78 0.21 -16.30 -0.66
C CYS B 78 1.00 -17.25 -1.56
N MET B 79 2.01 -16.73 -2.26
CA MET B 79 2.77 -17.61 -3.15
C MET B 79 3.59 -18.63 -2.36
N LEU B 80 4.08 -18.25 -1.17
CA LEU B 80 4.79 -19.19 -0.32
C LEU B 80 3.86 -20.28 0.19
N VAL B 81 2.62 -19.91 0.54
CA VAL B 81 1.65 -20.91 0.97
C VAL B 81 1.36 -21.89 -0.18
N ARG B 82 1.18 -21.36 -1.39
CA ARG B 82 0.96 -22.22 -2.55
C ARG B 82 2.14 -23.17 -2.74
N GLN B 83 3.37 -22.64 -2.65
CA GLN B 83 4.57 -23.44 -2.82
C GLN B 83 4.66 -24.56 -1.77
N LEU B 84 4.37 -24.22 -0.51
CA LEU B 84 4.42 -25.24 0.53
C LEU B 84 3.35 -26.31 0.34
N VAL B 85 2.13 -25.91 -0.01
CA VAL B 85 1.02 -26.87 -0.03
C VAL B 85 1.10 -27.77 -1.27
N PHE B 86 1.15 -27.17 -2.45
CA PHE B 86 1.00 -27.93 -3.68
C PHE B 86 2.28 -28.60 -4.17
N SER B 87 3.25 -28.84 -3.28
CA SER B 87 4.52 -29.46 -3.66
C SER B 87 4.87 -30.68 -2.83
N SER B 88 3.89 -31.54 -2.51
CA SER B 88 4.15 -32.69 -1.67
C SER B 88 3.55 -34.00 -2.18
N VAL B 89 2.97 -34.00 -3.38
CA VAL B 89 2.35 -35.21 -3.94
C VAL B 89 3.39 -36.10 -4.60
N ARG B 90 3.01 -37.34 -4.90
CA ARG B 90 3.83 -38.28 -5.64
C ARG B 90 3.06 -38.76 -6.88
N PHE B 91 3.72 -39.56 -7.70
CA PHE B 91 3.15 -39.98 -8.99
C PHE B 91 3.10 -41.49 -9.08
N ARG B 92 1.97 -42.00 -9.56
CA ARG B 92 1.75 -43.44 -9.70
C ARG B 92 0.87 -43.70 -10.90
N TRP B 93 0.92 -44.93 -11.40
CA TRP B 93 -0.01 -45.36 -12.43
C TRP B 93 -1.35 -45.75 -11.82
N GLN B 94 -2.43 -45.39 -12.51
CA GLN B 94 -3.78 -45.75 -12.10
C GLN B 94 -4.43 -46.55 -13.21
N ARG B 95 -4.93 -47.74 -12.87
CA ARG B 95 -5.56 -48.60 -13.86
C ARG B 95 -6.97 -48.13 -14.18
N LEU B 96 -7.42 -48.45 -15.40
CA LEU B 96 -8.75 -48.11 -15.87
C LEU B 96 -9.46 -49.38 -16.31
N ARG B 97 -10.63 -49.64 -15.73
CA ARG B 97 -11.52 -50.70 -16.19
C ARG B 97 -12.81 -50.06 -16.67
N ASP B 98 -13.19 -50.37 -17.91
CA ASP B 98 -14.36 -49.77 -18.56
C ASP B 98 -14.32 -48.24 -18.50
N GLY B 99 -13.11 -47.68 -18.50
CA GLY B 99 -12.94 -46.24 -18.42
C GLY B 99 -13.06 -45.64 -17.04
N LYS B 100 -13.19 -46.46 -15.99
CA LYS B 100 -13.37 -45.95 -14.64
C LYS B 100 -12.12 -46.19 -13.80
N PRO B 101 -11.68 -45.22 -13.01
CA PRO B 101 -10.46 -45.41 -12.22
C PRO B 101 -10.59 -46.55 -11.22
N SER B 102 -9.45 -47.17 -10.92
CA SER B 102 -9.39 -48.33 -10.04
C SER B 102 -8.05 -48.32 -9.32
N ASP B 103 -7.69 -49.47 -8.74
CA ASP B 103 -6.48 -49.58 -7.93
C ASP B 103 -5.25 -49.12 -8.70
N THR B 104 -4.27 -48.63 -7.96
CA THR B 104 -3.04 -48.08 -8.52
C THR B 104 -1.90 -49.10 -8.40
N PHE B 105 -0.83 -48.84 -9.17
CA PHE B 105 0.34 -49.68 -9.14
C PHE B 105 1.56 -48.85 -9.55
N GLY B 106 2.73 -49.35 -9.20
CA GLY B 106 3.98 -48.66 -9.49
C GLY B 106 4.92 -49.52 -10.31
N SER B 107 5.74 -48.86 -11.13
CA SER B 107 6.70 -49.53 -11.98
C SER B 107 8.02 -48.77 -11.96
N GLY B 108 9.00 -49.31 -12.69
CA GLY B 108 10.31 -48.70 -12.71
C GLY B 108 10.41 -47.44 -13.54
N ASP B 109 9.45 -47.20 -14.44
CA ASP B 109 9.49 -46.04 -15.31
C ASP B 109 9.23 -44.73 -14.57
N LEU B 110 8.74 -44.79 -13.34
CA LEU B 110 8.52 -43.59 -12.52
C LEU B 110 9.72 -43.26 -11.64
N GLN B 111 10.82 -43.99 -11.77
CA GLN B 111 12.01 -43.68 -10.99
C GLN B 111 12.55 -42.30 -11.32
N ILE B 112 12.35 -41.84 -12.56
CA ILE B 112 12.84 -40.52 -12.96
C ILE B 112 12.09 -39.42 -12.21
N LEU B 113 10.79 -39.61 -11.97
CA LEU B 113 10.01 -38.59 -11.28
C LEU B 113 10.41 -38.49 -9.81
N GLU B 114 10.75 -39.62 -9.19
CA GLU B 114 11.15 -39.60 -7.79
C GLU B 114 12.42 -38.78 -7.60
N THR B 115 13.39 -38.94 -8.50
CA THR B 115 14.64 -38.18 -8.47
C THR B 115 14.79 -37.47 -9.81
N PRO B 116 14.30 -36.24 -9.94
CA PRO B 116 14.36 -35.55 -11.24
C PRO B 116 15.78 -35.31 -11.73
N TRP B 117 16.76 -35.19 -10.84
CA TRP B 117 18.15 -35.04 -11.22
C TRP B 117 19.03 -35.48 -10.06
N LYS B 118 20.34 -35.32 -10.23
CA LYS B 118 21.28 -35.77 -9.22
C LYS B 118 21.14 -34.95 -7.94
N GLY B 119 20.91 -35.62 -6.83
CA GLY B 119 20.77 -34.96 -5.55
C GLY B 119 19.58 -34.03 -5.47
N GLY B 120 18.42 -34.48 -5.93
CA GLY B 120 17.22 -33.66 -5.91
C GLY B 120 15.98 -34.51 -5.85
N THR B 121 14.95 -33.96 -5.22
CA THR B 121 13.67 -34.64 -5.05
C THR B 121 12.59 -34.00 -5.90
N THR B 122 11.43 -34.66 -5.94
CA THR B 122 10.30 -34.15 -6.70
C THR B 122 9.79 -32.83 -6.16
N GLN B 123 9.99 -32.58 -4.87
CA GLN B 123 9.53 -31.33 -4.26
C GLN B 123 10.18 -30.11 -4.91
N ASP B 124 11.46 -30.21 -5.23
CA ASP B 124 12.14 -29.11 -5.91
C ASP B 124 11.52 -28.86 -7.28
N MET B 125 11.24 -29.92 -8.03
CA MET B 125 10.54 -29.78 -9.30
C MET B 125 9.21 -29.07 -9.12
N LEU B 126 8.39 -29.56 -8.19
CA LEU B 126 7.06 -28.99 -8.02
C LEU B 126 7.14 -27.51 -7.64
N SER B 127 8.06 -27.17 -6.73
CA SER B 127 8.24 -25.78 -6.33
C SER B 127 8.66 -24.91 -7.53
N ARG B 128 9.61 -25.40 -8.32
CA ARG B 128 10.10 -24.61 -9.44
C ARG B 128 9.00 -24.37 -10.47
N MET B 129 8.22 -25.41 -10.80
CA MET B 129 7.15 -25.23 -11.78
C MET B 129 6.01 -24.37 -11.23
N ILE B 130 5.71 -24.48 -9.93
CA ILE B 130 4.71 -23.59 -9.34
C ILE B 130 5.16 -22.14 -9.42
N GLN B 131 6.43 -21.88 -9.09
CA GLN B 131 6.94 -20.51 -9.18
C GLN B 131 6.90 -20.01 -10.63
N ASP B 132 7.30 -20.86 -11.58
CA ASP B 132 7.29 -20.45 -12.99
C ASP B 132 5.88 -20.15 -13.47
N ALA B 133 4.92 -20.99 -13.10
CA ALA B 133 3.53 -20.75 -13.50
C ALA B 133 2.96 -19.51 -12.82
N ASP B 134 3.39 -19.22 -11.59
CA ASP B 134 2.88 -18.05 -10.89
C ASP B 134 3.44 -16.76 -11.48
N LEU B 135 4.73 -16.74 -11.80
CA LEU B 135 5.36 -15.51 -12.26
C LEU B 135 5.11 -15.26 -13.75
N ALA B 136 5.52 -16.20 -14.60
CA ALA B 136 5.42 -16.02 -16.04
C ALA B 136 4.21 -16.68 -16.67
N GLY B 137 3.51 -17.54 -15.95
CA GLY B 137 2.37 -18.24 -16.50
C GLY B 137 2.71 -19.46 -17.33
N ASN B 138 3.99 -19.81 -17.46
CA ASN B 138 4.41 -20.96 -18.24
C ASN B 138 5.54 -21.67 -17.53
N SER B 139 5.71 -22.96 -17.86
CA SER B 139 6.79 -23.76 -17.30
C SER B 139 7.24 -24.73 -18.38
N TYR B 140 8.55 -24.78 -18.62
CA TYR B 140 9.13 -25.63 -19.65
C TYR B 140 10.19 -26.52 -19.02
N TRP B 141 10.08 -27.83 -19.25
CA TRP B 141 11.06 -28.80 -18.78
C TRP B 141 11.33 -29.82 -19.86
N THR B 142 12.60 -30.16 -20.03
CA THR B 142 13.01 -31.19 -20.98
C THR B 142 13.95 -32.16 -20.27
N ILE B 143 13.90 -33.42 -20.69
CA ILE B 143 14.71 -34.47 -20.08
C ILE B 143 15.88 -34.80 -20.99
N VAL B 144 17.09 -34.75 -20.44
CA VAL B 144 18.31 -35.02 -21.18
C VAL B 144 19.16 -35.98 -20.36
N ASP B 145 19.47 -37.14 -20.95
CA ASP B 145 20.41 -38.12 -20.37
C ASP B 145 19.94 -38.61 -18.99
N GLY B 146 18.64 -38.62 -18.78
CA GLY B 146 18.06 -39.16 -17.56
C GLY B 146 17.80 -38.16 -16.46
N GLU B 147 18.04 -36.87 -16.68
CA GLU B 147 17.72 -35.83 -15.72
C GLU B 147 16.90 -34.75 -16.41
N PHE B 148 16.18 -33.99 -15.60
CA PHE B 148 15.29 -32.93 -16.08
C PHE B 148 16.01 -31.59 -15.91
N VAL B 149 16.14 -30.85 -17.00
CA VAL B 149 16.80 -29.55 -16.99
C VAL B 149 15.74 -28.46 -17.02
N ARG B 150 15.80 -27.55 -16.05
CA ARG B 150 14.85 -26.44 -16.00
C ARG B 150 15.11 -25.48 -17.18
N MET B 151 14.04 -24.85 -17.64
CA MET B 151 14.10 -23.95 -18.79
C MET B 151 13.48 -22.62 -18.38
N ARG B 152 14.26 -21.55 -18.54
CA ARG B 152 13.78 -20.23 -18.14
C ARG B 152 12.60 -19.82 -19.03
N PRO B 153 11.51 -19.31 -18.46
CA PRO B 153 10.29 -19.09 -19.24
C PRO B 153 10.41 -18.01 -20.31
N ASP B 154 10.91 -16.83 -19.93
CA ASP B 154 10.89 -15.68 -20.84
C ASP B 154 11.81 -15.86 -22.04
N TRP B 155 12.74 -16.82 -21.99
CA TRP B 155 13.64 -17.02 -23.11
C TRP B 155 13.08 -18.02 -24.12
N VAL B 156 12.19 -18.91 -23.69
CA VAL B 156 11.65 -19.94 -24.57
C VAL B 156 10.68 -19.31 -25.55
N ASP B 157 10.79 -19.70 -26.82
CA ASP B 157 9.86 -19.29 -27.86
C ASP B 157 9.14 -20.51 -28.42
N VAL B 158 7.88 -20.31 -28.80
CA VAL B 158 7.03 -21.39 -29.30
C VAL B 158 6.93 -21.23 -30.82
N VAL B 159 7.25 -22.30 -31.54
CA VAL B 159 7.25 -22.31 -33.00
C VAL B 159 5.96 -22.97 -33.47
N VAL B 160 5.27 -22.33 -34.41
CA VAL B 160 4.02 -22.83 -34.96
C VAL B 160 4.13 -22.86 -36.48
N GLU B 161 3.10 -23.39 -37.12
CA GLU B 161 3.03 -23.44 -38.57
C GLU B 161 1.57 -23.43 -39.02
N GLU B 162 1.36 -23.09 -40.28
CA GLU B 162 0.02 -23.00 -40.82
C GLU B 162 -0.62 -24.39 -40.91
N ARG B 163 -1.94 -24.42 -40.70
CA ARG B 163 -2.71 -25.66 -40.75
C ARG B 163 -3.60 -25.62 -41.98
N MET B 164 -3.47 -26.64 -42.83
CA MET B 164 -4.24 -26.74 -44.08
C MET B 164 -5.29 -27.82 -43.95
N VAL B 165 -6.47 -27.55 -44.51
CA VAL B 165 -7.57 -28.50 -44.49
C VAL B 165 -7.62 -29.29 -45.79
N GLY B 174 -10.15 -26.06 -49.81
CA GLY B 174 -9.20 -26.00 -48.71
C GLY B 174 -9.24 -24.70 -47.94
N GLY B 175 -8.20 -24.43 -47.18
CA GLY B 175 -8.13 -23.20 -46.41
C GLY B 175 -7.25 -23.37 -45.19
N GLN B 176 -7.12 -22.28 -44.45
CA GLN B 176 -6.29 -22.25 -43.25
C GLN B 176 -7.20 -22.26 -42.02
N LEU B 177 -6.90 -23.16 -41.08
CA LEU B 177 -7.67 -23.30 -39.84
C LEU B 177 -6.69 -23.23 -38.67
N GLY B 178 -6.41 -22.02 -38.20
CA GLY B 178 -5.54 -21.85 -37.06
C GLY B 178 -4.09 -22.17 -37.37
N TRP B 179 -3.34 -22.45 -36.30
CA TRP B 179 -1.92 -22.79 -36.38
C TRP B 179 -1.70 -24.15 -35.73
N ARG B 180 -0.62 -24.81 -36.15
CA ARG B 180 -0.25 -26.12 -35.63
C ARG B 180 1.07 -26.02 -34.89
N LYS B 181 1.13 -26.61 -33.70
CA LYS B 181 2.32 -26.58 -32.87
C LYS B 181 3.32 -27.64 -33.35
N VAL B 182 4.59 -27.26 -33.45
CA VAL B 182 5.63 -28.13 -33.97
C VAL B 182 6.76 -28.33 -32.95
N GLY B 183 7.22 -27.26 -32.32
CA GLY B 183 8.34 -27.38 -31.41
C GLY B 183 8.67 -26.06 -30.75
N TYR B 184 9.75 -26.09 -29.96
CA TYR B 184 10.22 -24.94 -29.21
C TYR B 184 11.59 -24.51 -29.68
N LEU B 185 11.91 -23.24 -29.44
CA LEU B 185 13.22 -22.68 -29.73
C LEU B 185 13.72 -21.93 -28.51
N TYR B 186 14.92 -22.28 -28.04
CA TYR B 186 15.50 -21.69 -26.84
C TYR B 186 16.80 -20.98 -27.19
N THR B 187 16.92 -19.74 -26.73
CA THR B 187 18.11 -18.93 -26.93
C THR B 187 18.68 -18.50 -25.58
N GLU B 188 20.01 -18.56 -25.48
CA GLU B 188 20.67 -18.20 -24.23
C GLU B 188 20.66 -16.70 -24.01
N GLY B 189 20.29 -16.29 -22.79
CA GLY B 189 20.35 -14.88 -22.41
C GLY B 189 19.43 -13.96 -23.16
N GLY B 190 18.45 -14.49 -23.88
CA GLY B 190 17.54 -13.68 -24.67
C GLY B 190 17.88 -13.74 -26.15
N ARG B 191 17.01 -13.09 -26.93
CA ARG B 191 17.16 -13.11 -28.38
C ARG B 191 18.32 -12.22 -28.84
N GLN B 192 18.47 -11.04 -28.23
CA GLN B 192 19.50 -10.09 -28.63
C GLN B 192 20.89 -10.47 -28.14
N SER B 193 21.01 -11.49 -27.29
CA SER B 193 22.33 -11.87 -26.77
C SER B 193 23.25 -12.40 -27.85
N GLY B 194 22.72 -12.83 -28.98
CA GLY B 194 23.53 -13.32 -30.08
C GLY B 194 24.02 -14.75 -29.93
N ASN B 195 23.63 -15.45 -28.87
CA ASN B 195 24.02 -16.84 -28.70
C ASN B 195 23.28 -17.73 -29.68
N GLU B 196 23.90 -18.87 -30.01
CA GLU B 196 23.31 -19.81 -30.96
C GLU B 196 22.08 -20.46 -30.33
N PRO B 197 20.90 -20.30 -30.89
CA PRO B 197 19.71 -20.95 -30.33
C PRO B 197 19.73 -22.45 -30.55
N VAL B 198 19.08 -23.17 -29.64
CA VAL B 198 18.92 -24.61 -29.73
C VAL B 198 17.42 -24.93 -29.63
N GLY B 199 16.95 -25.82 -30.51
CA GLY B 199 15.55 -26.16 -30.60
C GLY B 199 15.23 -27.50 -29.96
N PHE B 200 13.93 -27.79 -29.91
CA PHE B 200 13.42 -29.03 -29.36
C PHE B 200 12.19 -29.46 -30.13
N LEU B 201 11.72 -30.66 -29.83
CA LEU B 201 10.52 -31.21 -30.45
C LEU B 201 9.35 -31.12 -29.47
N ALA B 202 8.13 -31.05 -30.04
CA ALA B 202 6.94 -30.87 -29.21
C ALA B 202 6.68 -32.07 -28.31
N GLU B 203 7.16 -33.26 -28.70
CA GLU B 203 6.87 -34.48 -27.98
C GLU B 203 7.87 -34.79 -26.87
N ASP B 204 8.84 -33.90 -26.63
CA ASP B 204 9.86 -34.17 -25.62
C ASP B 204 10.02 -33.04 -24.61
N VAL B 205 9.09 -32.08 -24.57
CA VAL B 205 9.17 -30.96 -23.64
C VAL B 205 7.84 -30.84 -22.91
N VAL B 206 7.91 -30.71 -21.59
CA VAL B 206 6.72 -30.51 -20.76
C VAL B 206 6.35 -29.04 -20.77
N HIS B 207 5.07 -28.74 -20.95
CA HIS B 207 4.56 -27.37 -20.96
C HIS B 207 3.43 -27.27 -19.95
N PHE B 208 3.62 -26.44 -18.93
CA PHE B 208 2.67 -26.29 -17.83
C PHE B 208 2.06 -24.89 -17.89
N ALA B 209 0.84 -24.81 -18.41
CA ALA B 209 0.08 -23.55 -18.49
C ALA B 209 -1.30 -23.79 -17.93
N PRO B 210 -1.50 -23.55 -16.62
CA PRO B 210 -2.79 -23.86 -16.02
C PRO B 210 -3.90 -22.89 -16.41
N ILE B 211 -3.59 -21.61 -16.58
CA ILE B 211 -4.58 -20.60 -16.93
C ILE B 211 -4.36 -20.23 -18.41
N PRO B 212 -5.24 -20.63 -19.31
CA PRO B 212 -5.03 -20.35 -20.74
C PRO B 212 -5.28 -18.88 -21.06
N ASP B 213 -4.47 -18.35 -21.96
CA ASP B 213 -4.67 -16.99 -22.44
C ASP B 213 -5.79 -16.98 -23.47
N PRO B 214 -6.87 -16.22 -23.25
CA PRO B 214 -8.00 -16.27 -24.18
C PRO B 214 -7.67 -15.83 -25.60
N LEU B 215 -6.75 -14.87 -25.77
CA LEU B 215 -6.48 -14.28 -27.06
C LEU B 215 -5.40 -15.02 -27.84
N ALA B 216 -4.88 -16.11 -27.30
CA ALA B 216 -3.79 -16.85 -27.94
C ALA B 216 -4.07 -18.35 -27.87
N SER B 217 -3.38 -19.10 -28.73
CA SER B 217 -3.66 -20.52 -28.86
C SER B 217 -2.80 -21.37 -27.94
N TYR B 218 -1.52 -21.00 -27.77
CA TYR B 218 -0.61 -21.78 -26.93
C TYR B 218 0.09 -20.94 -25.87
N ARG B 219 -0.58 -19.94 -25.31
CA ARG B 219 0.04 -19.10 -24.29
C ARG B 219 -0.58 -19.32 -22.92
N GLY B 220 0.18 -18.93 -21.89
CA GLY B 220 -0.30 -18.90 -20.53
C GLY B 220 -0.31 -17.46 -20.02
N MET B 221 -0.91 -17.28 -18.84
CA MET B 221 -1.01 -15.97 -18.23
C MET B 221 -0.93 -16.11 -16.72
N SER B 222 -0.40 -15.07 -16.08
CA SER B 222 -0.24 -15.04 -14.64
C SER B 222 -1.39 -14.28 -13.99
N TRP B 223 -1.68 -14.64 -12.74
CA TRP B 223 -2.75 -13.99 -11.97
C TRP B 223 -2.28 -12.72 -11.28
N LEU B 224 -1.00 -12.37 -11.39
CA LEU B 224 -0.48 -11.13 -10.83
C LEU B 224 -0.87 -9.91 -11.67
N THR B 225 -1.20 -10.10 -12.94
CA THR B 225 -1.52 -8.98 -13.81
C THR B 225 -2.75 -8.20 -13.38
N PRO B 226 -3.90 -8.82 -13.06
CA PRO B 226 -5.09 -8.02 -12.74
C PRO B 226 -5.04 -7.34 -11.37
N ILE B 227 -3.99 -7.55 -10.58
CA ILE B 227 -3.89 -6.92 -9.27
C ILE B 227 -2.66 -6.02 -9.18
N LEU B 228 -2.11 -5.61 -10.33
CA LEU B 228 -0.99 -4.67 -10.31
C LEU B 228 -1.42 -3.35 -9.70
N ARG B 229 -2.65 -2.92 -9.97
CA ARG B 229 -3.14 -1.68 -9.36
C ARG B 229 -3.20 -1.79 -7.84
N GLU B 230 -3.69 -2.92 -7.33
CA GLU B 230 -3.73 -3.11 -5.89
C GLU B 230 -2.34 -3.17 -5.28
N ILE B 231 -1.41 -3.84 -5.96
CA ILE B 231 -0.03 -3.91 -5.46
C ILE B 231 0.59 -2.52 -5.40
N ARG B 232 0.40 -1.74 -6.47
CA ARG B 232 0.95 -0.38 -6.48
C ARG B 232 0.30 0.50 -5.43
N ALA B 233 -1.01 0.34 -5.21
CA ALA B 233 -1.69 1.12 -4.18
C ALA B 233 -1.15 0.77 -2.79
N ASP B 234 -0.95 -0.52 -2.52
CA ASP B 234 -0.40 -0.92 -1.23
C ASP B 234 1.02 -0.39 -1.04
N GLN B 235 1.84 -0.47 -2.08
CA GLN B 235 3.21 0.04 -1.98
C GLN B 235 3.22 1.55 -1.76
N ALA B 236 2.36 2.28 -2.45
CA ALA B 236 2.27 3.72 -2.25
C ALA B 236 1.78 4.05 -0.84
N MET B 237 0.83 3.29 -0.32
CA MET B 237 0.35 3.50 1.04
C MET B 237 1.47 3.28 2.05
N SER B 238 2.24 2.21 1.87
CA SER B 238 3.37 1.95 2.76
C SER B 238 4.41 3.06 2.67
N LYS B 239 4.70 3.53 1.46
CA LYS B 239 5.65 4.63 1.29
C LYS B 239 5.17 5.89 1.99
N HIS B 240 3.88 6.23 1.82
CA HIS B 240 3.34 7.41 2.46
C HIS B 240 3.38 7.29 3.99
N GLN B 241 3.06 6.10 4.51
CA GLN B 241 3.08 5.91 5.96
C GLN B 241 4.50 5.96 6.51
N ALA B 242 5.48 5.49 5.74
CA ALA B 242 6.87 5.57 6.18
C ALA B 242 7.44 6.98 6.06
N LYS B 243 6.93 7.78 5.12
CA LYS B 243 7.43 9.14 4.93
C LYS B 243 7.09 10.05 6.10
N PHE B 244 6.17 9.65 6.98
CA PHE B 244 5.81 10.49 8.11
C PHE B 244 6.94 10.61 9.12
N PHE B 245 7.77 9.57 9.25
CA PHE B 245 8.86 9.55 10.21
C PHE B 245 10.13 10.21 9.71
N ASP B 246 10.13 10.70 8.45
CA ASP B 246 11.30 11.35 7.89
C ASP B 246 11.09 12.84 7.62
N ASN B 247 9.85 13.27 7.35
CA ASN B 247 9.57 14.67 7.05
C ASN B 247 8.50 15.24 7.98
N GLY B 248 8.17 14.55 9.06
CA GLY B 248 7.11 15.00 9.95
C GLY B 248 7.61 15.56 11.26
N ALA B 249 7.05 16.71 11.67
CA ALA B 249 7.42 17.35 12.91
C ALA B 249 6.38 17.07 13.99
N THR B 250 6.86 16.73 15.19
CA THR B 250 6.00 16.46 16.33
C THR B 250 6.29 17.51 17.40
N VAL B 251 5.50 18.56 17.41
CA VAL B 251 5.64 19.66 18.36
C VAL B 251 4.80 19.37 19.58
N ASN B 252 5.28 19.81 20.75
CA ASN B 252 4.59 19.61 22.02
C ASN B 252 3.99 20.89 22.57
N LEU B 253 4.79 21.93 22.72
CA LEU B 253 4.32 23.22 23.21
C LEU B 253 4.68 24.32 22.21
N VAL B 254 3.77 25.26 22.03
CA VAL B 254 3.99 26.40 21.14
C VAL B 254 3.95 27.64 22.02
N ILE B 255 5.08 28.35 22.09
CA ILE B 255 5.22 29.53 22.93
C ILE B 255 5.18 30.77 22.06
N LYS B 256 4.25 31.67 22.36
CA LYS B 256 4.11 32.94 21.65
C LYS B 256 4.67 34.05 22.52
N HIS B 257 5.62 34.81 22.00
CA HIS B 257 6.37 35.76 22.80
C HIS B 257 5.86 37.19 22.61
N ASN B 258 5.99 37.98 23.67
CA ASN B 258 5.64 39.39 23.61
C ASN B 258 6.61 40.12 22.67
N PRO B 259 6.12 41.00 21.80
CA PRO B 259 7.04 41.69 20.88
C PRO B 259 8.14 42.49 21.56
N MET B 260 7.87 43.04 22.74
CA MET B 260 8.86 43.84 23.46
C MET B 260 9.85 42.93 24.20
N ALA B 261 10.66 42.22 23.43
CA ALA B 261 11.61 41.24 23.98
C ALA B 261 12.86 41.18 23.12
N ASP B 262 14.01 41.20 23.78
CA ASP B 262 15.28 41.03 23.08
C ASP B 262 15.46 39.57 22.67
N PRO B 263 15.87 39.30 21.43
CA PRO B 263 16.04 37.90 20.99
C PRO B 263 16.97 37.09 21.88
N ALA B 264 18.06 37.70 22.36
CA ALA B 264 19.00 36.98 23.22
C ALA B 264 18.33 36.56 24.53
N ALA B 265 17.54 37.47 25.12
CA ALA B 265 16.78 37.13 26.31
C ALA B 265 15.78 36.03 26.03
N VAL B 266 15.17 36.04 24.84
CA VAL B 266 14.23 34.99 24.45
C VAL B 266 14.95 33.64 24.40
N LYS B 267 16.14 33.62 23.80
CA LYS B 267 16.90 32.36 23.72
C LYS B 267 17.29 31.88 25.11
N LYS B 268 17.72 32.79 25.98
CA LYS B 268 18.10 32.40 27.33
C LYS B 268 16.90 31.84 28.09
N TRP B 269 15.74 32.48 27.97
CA TRP B 269 14.54 31.99 28.63
C TRP B 269 14.11 30.63 28.08
N ALA B 270 14.22 30.44 26.77
CA ALA B 270 13.90 29.14 26.18
C ALA B 270 14.84 28.07 26.70
N ASP B 271 16.13 28.38 26.83
CA ASP B 271 17.09 27.42 27.37
C ASP B 271 16.74 27.07 28.80
N GLU B 272 16.38 28.06 29.62
CA GLU B 272 15.98 27.78 30.99
C GLU B 272 14.72 26.91 31.05
N VAL B 273 13.75 27.20 30.18
CA VAL B 273 12.51 26.41 30.14
C VAL B 273 12.83 24.97 29.79
N ASN B 274 13.68 24.77 28.77
CA ASN B 274 14.06 23.41 28.38
C ASN B 274 14.82 22.72 29.51
N SER B 275 15.61 23.48 30.28
CA SER B 275 16.33 22.88 31.39
C SER B 275 15.40 22.44 32.52
N LYS B 276 14.34 23.20 32.78
CA LYS B 276 13.48 22.92 33.92
C LYS B 276 12.35 21.95 33.60
N HIS B 277 11.94 21.82 32.33
CA HIS B 277 10.78 21.01 31.99
C HIS B 277 11.08 20.00 30.88
N ALA B 278 12.22 19.32 30.97
CA ALA B 278 12.56 18.25 30.04
C ALA B 278 12.87 16.97 30.80
N GLY B 279 12.45 15.84 30.25
CA GLY B 279 12.73 14.55 30.84
C GLY B 279 11.65 14.12 31.83
N VAL B 280 11.60 12.80 32.05
CA VAL B 280 10.63 12.24 32.98
C VAL B 280 10.90 12.66 34.42
N ASP B 281 12.13 13.05 34.73
CA ASP B 281 12.44 13.50 36.08
C ASP B 281 11.78 14.84 36.38
N ASN B 282 11.77 15.75 35.40
CA ASN B 282 11.18 17.07 35.57
C ASN B 282 9.74 17.08 35.05
N ALA B 283 8.91 16.22 35.64
CA ALA B 283 7.54 16.05 35.23
C ALA B 283 6.58 16.56 36.30
N TRP B 284 5.39 16.96 35.83
CA TRP B 284 4.29 17.38 36.71
C TRP B 284 4.64 18.59 37.56
N LYS B 285 5.48 19.48 37.03
CA LYS B 285 5.81 20.72 37.71
C LYS B 285 4.90 21.84 37.20
N ASN B 286 5.19 23.06 37.60
CA ASN B 286 4.40 24.23 37.23
C ASN B 286 5.22 25.13 36.31
N LEU B 287 4.54 25.72 35.33
CA LEU B 287 5.17 26.59 34.34
C LEU B 287 4.73 28.04 34.59
N ASN B 288 5.69 28.89 34.90
CA ASN B 288 5.44 30.31 35.10
C ASN B 288 5.83 31.06 33.82
N LEU B 289 4.92 31.90 33.33
CA LEU B 289 5.13 32.64 32.09
C LEU B 289 5.24 34.13 32.41
N TYR B 290 6.23 34.78 31.80
CA TYR B 290 6.37 36.22 31.95
C TYR B 290 5.19 36.92 31.28
N PRO B 291 4.82 38.11 31.76
CA PRO B 291 3.64 38.80 31.22
C PRO B 291 3.78 39.07 29.72
N GLY B 292 2.67 38.93 29.01
CA GLY B 292 2.66 39.10 27.57
C GLY B 292 2.95 37.86 26.76
N ALA B 293 3.15 36.71 27.40
CA ALA B 293 3.44 35.47 26.71
C ALA B 293 2.18 34.59 26.63
N ASP B 294 2.28 33.53 25.83
CA ASP B 294 1.17 32.61 25.64
C ASP B 294 1.73 31.21 25.40
N ALA B 295 1.06 30.21 25.96
CA ALA B 295 1.43 28.81 25.79
C ALA B 295 0.21 28.01 25.37
N GLU B 296 0.39 27.14 24.38
CA GLU B 296 -0.67 26.28 23.89
C GLU B 296 -0.12 24.89 23.67
N VAL B 297 -0.98 23.88 23.89
CA VAL B 297 -0.61 22.48 23.74
C VAL B 297 -1.10 21.99 22.39
N VAL B 298 -0.21 21.38 21.62
CA VAL B 298 -0.50 20.90 20.27
C VAL B 298 -0.12 19.43 20.20
N GLY B 299 -1.03 18.61 19.68
CA GLY B 299 -0.76 17.18 19.54
C GLY B 299 -0.16 16.82 18.20
N SER B 300 -0.81 15.91 17.48
CA SER B 300 -0.32 15.46 16.18
C SER B 300 -1.50 14.89 15.38
N ASN B 301 -1.18 14.20 14.29
CA ASN B 301 -2.20 13.61 13.42
C ASN B 301 -1.91 12.13 13.21
N LEU B 302 -1.65 11.41 14.30
CA LEU B 302 -1.24 10.01 14.21
C LEU B 302 -2.31 9.15 13.54
N GLN B 303 -3.58 9.59 13.57
CA GLN B 303 -4.68 8.80 13.02
C GLN B 303 -4.90 9.09 11.53
N GLU B 304 -3.91 9.66 10.85
CA GLU B 304 -4.01 9.88 9.42
C GLU B 304 -3.25 8.84 8.61
N ILE B 305 -2.30 8.14 9.22
CA ILE B 305 -1.51 7.12 8.54
C ILE B 305 -2.22 5.78 8.59
N ASP B 306 -3.47 5.79 9.05
CA ASP B 306 -4.27 4.57 9.19
C ASP B 306 -5.14 4.41 7.95
N PHE B 307 -4.80 3.46 7.09
CA PHE B 307 -5.52 3.17 5.86
C PHE B 307 -6.10 1.75 5.90
N LYS B 308 -6.66 1.36 7.04
CA LYS B 308 -7.14 0.00 7.20
C LYS B 308 -8.29 -0.31 6.25
N ASN B 309 -9.22 0.63 6.09
CA ASN B 309 -10.41 0.37 5.28
C ASN B 309 -10.09 0.18 3.80
N VAL B 310 -8.88 0.53 3.36
CA VAL B 310 -8.46 0.34 1.98
C VAL B 310 -7.39 -0.74 1.87
N ARG B 311 -6.49 -0.82 2.86
CA ARG B 311 -5.51 -1.89 2.87
C ARG B 311 -6.19 -3.25 2.99
N GLY B 312 -7.25 -3.34 3.79
CA GLY B 312 -7.98 -4.58 3.88
C GLY B 312 -8.60 -4.99 2.56
N GLY B 313 -9.19 -4.04 1.84
CA GLY B 313 -9.74 -4.35 0.52
C GLY B 313 -8.66 -4.77 -0.47
N GLY B 314 -7.51 -4.11 -0.43
CA GLY B 314 -6.41 -4.51 -1.30
C GLY B 314 -5.94 -5.92 -1.02
N GLU B 315 -5.79 -6.26 0.27
CA GLU B 315 -5.42 -7.61 0.64
C GLU B 315 -6.48 -8.61 0.22
N THR B 316 -7.76 -8.23 0.33
CA THR B 316 -8.84 -9.11 -0.10
C THR B 316 -8.74 -9.41 -1.59
N ARG B 317 -8.52 -8.37 -2.41
CA ARG B 317 -8.39 -8.59 -3.85
C ARG B 317 -7.17 -9.45 -4.17
N ILE B 318 -6.04 -9.19 -3.50
CA ILE B 318 -4.85 -9.99 -3.75
C ILE B 318 -5.09 -11.45 -3.40
N ALA B 319 -5.71 -11.72 -2.25
CA ALA B 319 -5.99 -13.09 -1.85
C ALA B 319 -6.98 -13.76 -2.81
N ALA B 320 -7.99 -13.02 -3.26
CA ALA B 320 -8.95 -13.58 -4.20
C ALA B 320 -8.28 -13.94 -5.52
N ALA B 321 -7.38 -13.09 -6.00
CA ALA B 321 -6.62 -13.43 -7.20
C ALA B 321 -5.74 -14.65 -6.98
N ALA B 322 -5.09 -14.73 -5.81
CA ALA B 322 -4.28 -15.90 -5.48
C ALA B 322 -5.13 -17.15 -5.26
N GLY B 323 -6.42 -17.00 -5.02
CA GLY B 323 -7.29 -18.13 -4.79
C GLY B 323 -7.01 -18.86 -3.48
N VAL B 324 -6.65 -18.13 -2.44
CA VAL B 324 -6.35 -18.72 -1.13
C VAL B 324 -7.10 -17.93 -0.07
N PRO B 325 -7.77 -18.58 0.88
CA PRO B 325 -8.45 -17.85 1.95
C PRO B 325 -7.47 -17.02 2.76
N PRO B 326 -7.87 -15.80 3.15
CA PRO B 326 -6.95 -14.94 3.91
C PRO B 326 -6.50 -15.54 5.23
N VAL B 327 -7.37 -16.29 5.91
CA VAL B 327 -7.03 -16.82 7.23
C VAL B 327 -5.90 -17.83 7.12
N ILE B 328 -5.88 -18.63 6.04
CA ILE B 328 -4.78 -19.56 5.83
C ILE B 328 -3.48 -18.79 5.60
N VAL B 329 -3.55 -17.71 4.83
CA VAL B 329 -2.39 -16.82 4.68
C VAL B 329 -2.05 -16.18 6.02
N GLY B 330 -3.07 -15.82 6.80
CA GLY B 330 -2.89 -15.19 8.09
C GLY B 330 -3.16 -13.71 8.12
N LEU B 331 -3.44 -13.09 6.97
CA LEU B 331 -3.63 -11.66 6.90
C LEU B 331 -4.94 -11.24 7.56
N SER B 332 -4.91 -10.10 8.23
CA SER B 332 -6.12 -9.45 8.72
C SER B 332 -6.50 -8.32 7.77
N GLU B 333 -7.77 -8.31 7.38
CA GLU B 333 -8.26 -7.36 6.37
C GLU B 333 -9.42 -6.58 6.96
N GLY B 334 -9.13 -5.38 7.44
CA GLY B 334 -10.15 -4.55 8.06
C GLY B 334 -10.55 -4.98 9.45
N LEU B 335 -9.90 -5.99 10.02
CA LEU B 335 -10.19 -6.50 11.34
C LEU B 335 -8.99 -6.30 12.25
N ALA B 336 -9.25 -6.38 13.56
CA ALA B 336 -8.15 -6.31 14.52
C ALA B 336 -7.18 -7.45 14.34
N ALA B 337 -7.70 -8.67 14.14
CA ALA B 337 -6.88 -9.83 13.90
C ALA B 337 -7.70 -10.88 13.17
N ALA B 338 -7.00 -11.78 12.48
CA ALA B 338 -7.67 -12.87 11.78
C ALA B 338 -8.27 -13.85 12.77
N THR B 339 -9.42 -14.41 12.43
CA THR B 339 -10.14 -15.35 13.27
C THR B 339 -9.88 -16.77 12.81
N TYR B 340 -9.46 -17.64 13.72
CA TYR B 340 -9.18 -19.03 13.44
C TYR B 340 -10.31 -19.96 13.87
N SER B 341 -11.48 -19.39 14.20
CA SER B 341 -12.60 -20.22 14.64
C SER B 341 -13.16 -21.08 13.52
N ASN B 342 -12.98 -20.66 12.27
CA ASN B 342 -13.50 -21.36 11.10
C ASN B 342 -12.38 -21.79 10.16
N TYR B 343 -11.30 -22.33 10.73
CA TYR B 343 -10.16 -22.75 9.90
C TYR B 343 -10.49 -24.00 9.09
N GLY B 344 -11.34 -24.87 9.59
CA GLY B 344 -11.65 -26.10 8.87
C GLY B 344 -12.33 -25.86 7.54
N GLN B 345 -13.30 -24.94 7.51
CA GLN B 345 -13.99 -24.64 6.26
C GLN B 345 -13.05 -24.00 5.26
N ALA B 346 -12.18 -23.11 5.71
CA ALA B 346 -11.20 -22.50 4.81
C ALA B 346 -10.23 -23.54 4.26
N ARG B 347 -9.79 -24.48 5.11
CA ARG B 347 -8.92 -25.55 4.65
C ARG B 347 -9.62 -26.41 3.60
N ARG B 348 -10.88 -26.77 3.84
CA ARG B 348 -11.65 -27.54 2.86
C ARG B 348 -11.75 -26.79 1.55
N ARG B 349 -12.10 -25.50 1.61
CA ARG B 349 -12.21 -24.69 0.41
C ARG B 349 -10.90 -24.69 -0.37
N LEU B 350 -9.80 -24.35 0.31
CA LEU B 350 -8.50 -24.27 -0.37
C LEU B 350 -8.15 -25.59 -1.02
N ALA B 351 -8.19 -26.68 -0.25
CA ALA B 351 -7.81 -27.98 -0.77
C ALA B 351 -8.69 -28.36 -1.96
N ASP B 352 -9.98 -28.55 -1.72
CA ASP B 352 -10.86 -29.09 -2.75
C ASP B 352 -11.13 -28.13 -3.89
N GLY B 353 -10.71 -26.86 -3.79
CA GLY B 353 -10.93 -25.96 -4.90
C GLY B 353 -9.66 -25.54 -5.62
N THR B 354 -8.49 -25.85 -5.07
CA THR B 354 -7.29 -25.47 -5.80
C THR B 354 -6.31 -26.62 -5.96
N ALA B 355 -6.14 -27.47 -4.96
CA ALA B 355 -5.05 -28.46 -5.01
C ALA B 355 -5.34 -29.55 -6.03
N HIS B 356 -6.54 -30.12 -5.99
CA HIS B 356 -6.86 -31.25 -6.87
C HIS B 356 -6.87 -30.88 -8.34
N PRO B 357 -7.54 -29.80 -8.80
CA PRO B 357 -7.47 -29.46 -10.22
C PRO B 357 -6.06 -29.18 -10.70
N LEU B 358 -5.27 -28.45 -9.90
CA LEU B 358 -3.89 -28.18 -10.28
C LEU B 358 -3.08 -29.47 -10.35
N TRP B 359 -3.27 -30.37 -9.39
CA TRP B 359 -2.53 -31.62 -9.38
C TRP B 359 -2.88 -32.47 -10.60
N GLN B 360 -4.17 -32.56 -10.95
CA GLN B 360 -4.56 -33.40 -12.08
C GLN B 360 -4.09 -32.79 -13.39
N ASN B 361 -4.17 -31.46 -13.52
CA ASN B 361 -3.65 -30.81 -14.72
C ASN B 361 -2.16 -31.03 -14.85
N LEU B 362 -1.43 -30.92 -13.75
CA LEU B 362 0.02 -31.13 -13.77
C LEU B 362 0.36 -32.57 -14.16
N SER B 363 -0.36 -33.53 -13.60
CA SER B 363 -0.12 -34.93 -13.94
C SER B 363 -0.41 -35.19 -15.41
N GLY B 364 -1.51 -34.64 -15.93
CA GLY B 364 -1.81 -34.81 -17.34
C GLY B 364 -0.75 -34.19 -18.24
N CYS B 365 -0.23 -33.02 -17.87
CA CYS B 365 0.82 -32.39 -18.65
C CYS B 365 2.10 -33.22 -18.62
N ILE B 366 2.47 -33.75 -17.46
CA ILE B 366 3.72 -34.49 -17.33
C ILE B 366 3.63 -35.83 -18.05
N GLY B 367 2.47 -36.48 -18.01
CA GLY B 367 2.36 -37.86 -18.47
C GLY B 367 2.69 -38.08 -19.94
N HIS B 368 2.67 -37.02 -20.75
CA HIS B 368 2.87 -37.21 -22.18
C HIS B 368 4.32 -37.52 -22.54
N VAL B 369 5.27 -37.10 -21.69
CA VAL B 369 6.68 -37.35 -21.97
C VAL B 369 7.12 -38.73 -21.50
N MET B 370 6.36 -39.37 -20.62
CA MET B 370 6.70 -40.68 -20.08
C MET B 370 6.38 -41.78 -21.09
N PRO B 371 7.04 -42.95 -20.97
CA PRO B 371 6.70 -44.07 -21.85
C PRO B 371 5.21 -44.43 -21.83
N ASP B 372 4.77 -45.14 -22.87
CA ASP B 372 3.35 -45.45 -23.06
C ASP B 372 3.09 -46.87 -22.56
N MET B 373 2.30 -46.97 -21.49
CA MET B 373 1.89 -48.28 -20.99
C MET B 373 0.80 -48.90 -21.85
N GLY B 374 -0.11 -48.09 -22.38
CA GLY B 374 -1.18 -48.59 -23.21
C GLY B 374 -2.44 -47.73 -23.11
N PRO B 375 -3.58 -48.30 -23.50
CA PRO B 375 -4.83 -47.54 -23.47
C PRO B 375 -5.63 -47.67 -22.18
N ASP B 376 -5.10 -48.34 -21.17
CA ASP B 376 -5.79 -48.53 -19.90
C ASP B 376 -5.05 -47.93 -18.72
N VAL B 377 -3.72 -47.83 -18.79
CA VAL B 377 -2.93 -47.31 -17.69
C VAL B 377 -2.61 -45.85 -17.96
N ARG B 378 -2.87 -44.98 -16.99
CA ARG B 378 -2.57 -43.56 -17.09
C ARG B 378 -1.85 -43.08 -15.84
N LEU B 379 -1.07 -42.02 -16.01
CA LEU B 379 -0.36 -41.43 -14.88
C LEU B 379 -1.34 -40.64 -14.00
N TRP B 380 -1.11 -40.69 -12.69
CA TRP B 380 -1.99 -40.01 -11.75
C TRP B 380 -1.21 -39.74 -10.48
N TYR B 381 -1.73 -38.81 -9.66
CA TYR B 381 -1.07 -38.46 -8.43
C TYR B 381 -1.63 -39.27 -7.26
N ASP B 382 -0.91 -39.25 -6.14
CA ASP B 382 -1.30 -39.96 -4.94
C ASP B 382 -1.20 -39.03 -3.75
N ALA B 383 -2.23 -39.01 -2.91
CA ALA B 383 -2.27 -38.16 -1.73
C ALA B 383 -2.76 -38.97 -0.53
N ASP B 384 -2.22 -40.17 -0.36
CA ASP B 384 -2.64 -41.07 0.70
C ASP B 384 -1.84 -40.91 1.99
N ASP B 385 -0.74 -40.17 1.97
CA ASP B 385 0.09 -39.98 3.16
C ASP B 385 0.45 -38.52 3.32
N VAL B 386 -0.46 -37.63 2.95
CA VAL B 386 -0.32 -36.19 3.13
C VAL B 386 -1.12 -35.80 4.37
N PRO B 387 -0.53 -35.11 5.34
CA PRO B 387 -1.28 -34.78 6.57
C PRO B 387 -2.19 -33.58 6.43
N PHE B 388 -2.46 -33.12 5.20
CA PHE B 388 -3.35 -32.00 4.96
C PHE B 388 -4.76 -32.42 4.60
N LEU B 389 -4.99 -33.71 4.33
CA LEU B 389 -6.29 -34.21 3.89
C LEU B 389 -6.82 -35.31 4.81
N ARG B 390 -6.45 -35.26 6.09
CA ARG B 390 -6.88 -36.28 7.04
C ARG B 390 -8.40 -36.27 7.21
N GLU B 391 -9.00 -35.07 7.25
CA GLU B 391 -10.45 -34.98 7.38
C GLU B 391 -11.15 -35.57 6.16
N ASP B 392 -10.61 -35.32 4.96
CA ASP B 392 -11.18 -35.92 3.75
C ASP B 392 -11.06 -37.44 3.79
N GLU B 393 -9.92 -37.94 4.26
CA GLU B 393 -9.75 -39.39 4.41
C GLU B 393 -10.78 -39.97 5.37
N LYS B 394 -11.00 -39.28 6.49
CA LYS B 394 -12.00 -39.73 7.46
C LYS B 394 -13.40 -39.73 6.86
N ASP B 395 -13.75 -38.70 6.10
CA ASP B 395 -15.05 -38.65 5.45
C ASP B 395 -15.22 -39.80 4.46
N ALA B 396 -14.18 -40.06 3.66
CA ALA B 396 -14.24 -41.18 2.73
C ALA B 396 -14.40 -42.51 3.45
N ALA B 397 -13.68 -42.68 4.56
CA ALA B 397 -13.82 -43.91 5.34
C ALA B 397 -15.23 -44.07 5.89
N ASP B 398 -15.82 -42.98 6.37
CA ASP B 398 -17.19 -43.04 6.86
C ASP B 398 -18.17 -43.40 5.75
N ILE B 399 -18.00 -42.81 4.57
CA ILE B 399 -18.87 -43.13 3.43
C ILE B 399 -18.75 -44.61 3.07
N GLN B 400 -17.52 -45.12 3.03
CA GLN B 400 -17.33 -46.52 2.70
C GLN B 400 -17.90 -47.44 3.77
N LYS B 401 -17.79 -47.07 5.04
CA LYS B 401 -18.39 -47.85 6.11
C LYS B 401 -19.90 -47.91 5.96
N VAL B 402 -20.53 -46.77 5.65
CA VAL B 402 -21.98 -46.76 5.44
C VAL B 402 -22.36 -47.63 4.25
N ARG B 403 -21.58 -47.55 3.16
CA ARG B 403 -21.84 -48.39 2.00
C ARG B 403 -21.75 -49.87 2.37
N ALA B 404 -20.72 -50.24 3.13
CA ALA B 404 -20.56 -51.64 3.53
C ALA B 404 -21.70 -52.11 4.41
N GLU B 405 -22.16 -51.26 5.34
CA GLU B 405 -23.28 -51.62 6.18
C GLU B 405 -24.55 -51.80 5.36
N THR B 406 -24.78 -50.92 4.38
CA THR B 406 -25.93 -51.07 3.50
C THR B 406 -25.86 -52.37 2.70
N ILE B 407 -24.67 -52.70 2.20
CA ILE B 407 -24.51 -53.95 1.45
C ILE B 407 -24.80 -55.15 2.34
N ASN B 408 -24.30 -55.13 3.58
CA ASN B 408 -24.57 -56.23 4.50
C ASN B 408 -26.06 -56.35 4.80
N THR B 409 -26.73 -55.21 4.99
CA THR B 409 -28.18 -55.24 5.21
C THR B 409 -28.91 -55.86 4.01
N LEU B 410 -28.52 -55.47 2.80
CA LEU B 410 -29.17 -56.02 1.61
C LEU B 410 -28.90 -57.51 1.47
N ILE B 411 -27.68 -57.95 1.79
CA ILE B 411 -27.37 -59.38 1.72
C ILE B 411 -28.18 -60.16 2.75
N THR B 412 -28.41 -59.57 3.93
CA THR B 412 -29.17 -60.24 4.97
C THR B 412 -30.60 -60.54 4.51
N ALA B 413 -31.21 -59.65 3.73
CA ALA B 413 -32.58 -59.83 3.28
C ALA B 413 -32.74 -60.99 2.29
N GLY B 414 -31.65 -61.50 1.75
CA GLY B 414 -31.70 -62.63 0.83
C GLY B 414 -31.60 -62.29 -0.63
N TYR B 415 -30.84 -61.27 -1.00
CA TYR B 415 -30.67 -60.87 -2.39
C TYR B 415 -29.39 -61.46 -2.96
N GLU B 416 -29.28 -61.41 -4.28
CA GLU B 416 -28.11 -61.94 -4.97
C GLU B 416 -26.95 -60.96 -4.83
N PRO B 417 -25.77 -61.40 -4.38
CA PRO B 417 -24.69 -60.44 -4.05
C PRO B 417 -24.27 -59.54 -5.20
N ASP B 418 -24.16 -60.07 -6.41
CA ASP B 418 -23.73 -59.24 -7.54
C ASP B 418 -24.76 -58.15 -7.83
N SER B 419 -26.04 -58.49 -7.77
CA SER B 419 -27.08 -57.49 -7.95
C SER B 419 -27.01 -56.43 -6.85
N VAL B 420 -26.74 -56.85 -5.61
CA VAL B 420 -26.65 -55.91 -4.50
C VAL B 420 -25.50 -54.93 -4.73
N VAL B 421 -24.32 -55.44 -5.08
CA VAL B 421 -23.17 -54.57 -5.25
C VAL B 421 -23.36 -53.65 -6.46
N ALA B 422 -23.97 -54.16 -7.53
CA ALA B 422 -24.25 -53.31 -8.69
C ALA B 422 -25.22 -52.19 -8.32
N ALA B 423 -26.27 -52.52 -7.58
CA ALA B 423 -27.25 -51.51 -7.18
C ALA B 423 -26.62 -50.46 -6.28
N VAL B 424 -25.78 -50.88 -5.33
CA VAL B 424 -25.13 -49.92 -4.45
C VAL B 424 -24.14 -49.05 -5.23
N ASN B 425 -23.43 -49.63 -6.20
CA ASN B 425 -22.46 -48.86 -6.97
C ASN B 425 -23.12 -47.99 -8.03
N SER B 426 -24.38 -48.22 -8.37
CA SER B 426 -25.07 -47.43 -9.38
C SER B 426 -26.27 -46.67 -8.86
N GLY B 427 -26.74 -46.96 -7.65
CA GLY B 427 -27.89 -46.26 -7.10
C GLY B 427 -29.17 -46.49 -7.89
N ASP B 428 -29.41 -47.73 -8.29
CA ASP B 428 -30.60 -48.09 -9.08
C ASP B 428 -31.18 -49.37 -8.49
N LEU B 429 -32.28 -49.22 -7.74
CA LEU B 429 -32.90 -50.36 -7.07
C LEU B 429 -33.48 -51.37 -8.05
N ARG B 430 -33.69 -50.97 -9.31
CA ARG B 430 -34.27 -51.88 -10.29
C ARG B 430 -33.33 -53.03 -10.66
N LEU B 431 -32.04 -52.91 -10.34
CA LEU B 431 -31.08 -53.95 -10.66
C LEU B 431 -31.09 -55.11 -9.68
N LEU B 432 -31.80 -54.98 -8.56
CA LEU B 432 -31.81 -56.02 -7.55
C LEU B 432 -32.54 -57.26 -8.06
N LYS B 433 -31.90 -58.42 -7.90
CA LYS B 433 -32.46 -59.71 -8.29
C LYS B 433 -32.53 -60.60 -7.06
N HIS B 434 -33.71 -61.10 -6.75
CA HIS B 434 -33.93 -61.90 -5.54
C HIS B 434 -33.79 -63.38 -5.88
N THR B 435 -32.98 -64.09 -5.09
CA THR B 435 -32.80 -65.53 -5.30
C THR B 435 -34.10 -66.28 -5.03
N GLY B 436 -34.81 -65.91 -3.96
CA GLY B 436 -36.05 -66.58 -3.61
C GLY B 436 -36.03 -67.20 -2.24
N LEU B 437 -35.08 -66.79 -1.41
CA LEU B 437 -34.96 -67.30 -0.05
C LEU B 437 -34.77 -66.15 0.92
N THR B 438 -35.17 -66.37 2.16
CA THR B 438 -35.10 -65.35 3.20
C THR B 438 -34.41 -65.94 4.43
N SER B 439 -33.65 -65.10 5.12
CA SER B 439 -32.87 -65.52 6.28
C SER B 439 -33.72 -65.83 7.51
N VAL B 440 -35.02 -65.52 7.47
CA VAL B 440 -35.90 -65.77 8.59
C VAL B 440 -36.92 -66.83 8.18
N GLN B 441 -37.42 -67.56 9.17
CA GLN B 441 -38.38 -68.63 8.93
C GLN B 441 -39.77 -68.03 8.77
N LEU B 442 -40.45 -68.40 7.70
CA LEU B 442 -41.78 -67.88 7.38
C LEU B 442 -42.81 -68.98 7.60
N LEU B 443 -43.82 -68.69 8.42
CA LEU B 443 -44.75 -69.71 8.90
C LEU B 443 -46.05 -69.68 8.12
N PRO B 444 -46.72 -70.82 7.97
CA PRO B 444 -48.00 -70.87 7.25
C PRO B 444 -49.05 -69.98 7.88
N PRO B 445 -49.13 -69.88 9.22
CA PRO B 445 -50.10 -68.88 9.69
C PRO B 445 -49.68 -67.45 9.41
N GLU C 3 33.05 54.54 6.34
CA GLU C 3 31.88 54.59 7.20
C GLU C 3 31.14 55.92 7.06
N LEU C 4 30.17 56.16 7.94
CA LEU C 4 29.36 57.36 7.91
C LEU C 4 30.04 58.46 8.72
N LYS C 5 30.41 59.53 8.03
CA LYS C 5 31.05 60.69 8.64
C LYS C 5 30.07 61.85 8.73
N PRO C 6 30.31 62.81 9.62
CA PRO C 6 29.40 63.96 9.73
C PRO C 6 29.31 64.78 8.45
N ASP C 7 30.29 64.66 7.54
CA ASP C 7 30.22 65.37 6.27
C ASP C 7 29.06 64.86 5.42
N ASP C 8 28.76 63.57 5.48
CA ASP C 8 27.68 63.00 4.69
C ASP C 8 26.29 63.41 5.17
N LEU C 9 26.19 64.01 6.35
CA LEU C 9 24.91 64.51 6.81
C LEU C 9 24.51 65.75 6.01
N PRO C 10 23.22 66.02 5.88
CA PRO C 10 22.78 67.24 5.22
C PRO C 10 23.19 68.47 6.02
N ALA C 11 23.38 69.59 5.30
CA ALA C 11 23.89 70.80 5.93
C ALA C 11 22.94 71.31 7.02
N LYS C 12 21.63 71.25 6.77
CA LYS C 12 20.68 71.76 7.75
C LYS C 12 20.73 70.97 9.05
N VAL C 13 20.80 69.63 8.95
CA VAL C 13 20.87 68.80 10.15
C VAL C 13 22.16 69.06 10.92
N ARG C 14 23.29 69.11 10.21
CA ARG C 14 24.56 69.38 10.88
C ARG C 14 24.60 70.77 11.50
N GLY C 15 23.82 71.70 10.95
CA GLY C 15 23.76 73.05 11.50
C GLY C 15 23.19 73.11 12.91
N GLN C 16 22.49 72.06 13.34
CA GLN C 16 21.98 71.98 14.69
C GLN C 16 22.99 71.41 15.68
N PHE C 17 24.24 71.25 15.26
CA PHE C 17 25.32 70.75 16.11
C PHE C 17 26.34 71.88 16.32
N ALA C 18 27.39 71.56 17.07
CA ALA C 18 28.47 72.50 17.31
C ALA C 18 29.82 72.03 16.79
N ASP C 19 30.06 70.72 16.75
CA ASP C 19 31.30 70.18 16.23
C ASP C 19 31.06 68.75 15.76
N ASN C 20 32.03 68.22 15.01
CA ASN C 20 31.93 66.87 14.47
C ASN C 20 31.94 65.81 15.56
N THR C 21 32.43 66.14 16.76
CA THR C 21 32.53 65.13 17.82
C THR C 21 31.15 64.66 18.28
N GLU C 22 30.25 65.60 18.58
CA GLU C 22 28.93 65.19 19.04
C GLU C 22 28.12 64.57 17.91
N ALA C 23 28.30 65.03 16.67
CA ALA C 23 27.65 64.39 15.54
C ALA C 23 28.12 62.95 15.38
N GLN C 24 29.42 62.72 15.52
CA GLN C 24 29.94 61.35 15.45
C GLN C 24 29.42 60.51 16.60
N ALA C 25 29.29 61.09 17.79
CA ALA C 25 28.75 60.35 18.92
C ALA C 25 27.31 59.93 18.68
N ALA C 26 26.49 60.85 18.16
CA ALA C 26 25.11 60.52 17.83
C ALA C 26 25.03 59.47 16.74
N ILE C 27 25.90 59.59 15.73
CA ILE C 27 25.96 58.58 14.67
C ILE C 27 26.30 57.22 15.24
N ASP C 28 27.30 57.17 16.12
CA ASP C 28 27.69 55.90 16.73
C ASP C 28 26.55 55.30 17.55
N ALA C 29 25.83 56.13 18.30
CA ALA C 29 24.70 55.64 19.07
C ALA C 29 23.62 55.07 18.17
N VAL C 30 23.29 55.78 17.08
CA VAL C 30 22.24 55.31 16.19
C VAL C 30 22.64 54.01 15.50
N LEU C 31 23.89 53.94 15.02
CA LEU C 31 24.36 52.70 14.39
C LEU C 31 24.37 51.54 15.39
N ALA C 32 24.79 51.80 16.63
CA ALA C 32 24.78 50.74 17.63
C ALA C 32 23.37 50.23 17.88
N ALA C 33 22.41 51.16 18.02
CA ALA C 33 21.02 50.74 18.24
C ALA C 33 20.49 49.95 17.06
N ALA C 34 20.75 50.42 15.83
CA ALA C 34 20.26 49.73 14.65
C ALA C 34 20.86 48.34 14.52
N ARG C 35 22.18 48.22 14.74
CA ARG C 35 22.82 46.92 14.63
C ARG C 35 22.37 45.97 15.72
N ARG C 36 22.13 46.49 16.92
CA ARG C 36 21.61 45.64 18.00
C ARG C 36 20.20 45.15 17.67
N TRP C 37 19.35 46.02 17.13
CA TRP C 37 17.98 45.63 16.85
C TRP C 37 17.91 44.64 15.68
N CYS C 38 18.60 44.94 14.58
CA CYS C 38 18.56 44.05 13.42
C CYS C 38 19.29 42.74 13.66
N GLY C 39 20.19 42.69 14.65
CA GLY C 39 20.90 41.47 14.98
C GLY C 39 22.21 41.26 14.26
N TRP C 40 22.53 42.08 13.26
CA TRP C 40 23.79 41.96 12.55
C TRP C 40 24.10 43.29 11.88
N HIS C 41 25.39 43.58 11.76
CA HIS C 41 25.83 44.82 11.14
C HIS C 41 25.63 44.74 9.63
N VAL C 42 25.08 45.81 9.05
CA VAL C 42 24.86 45.92 7.61
C VAL C 42 25.92 46.80 6.96
N SER C 43 26.92 47.24 7.72
CA SER C 43 27.94 48.20 7.31
C SER C 43 28.87 47.58 6.27
N PRO C 44 29.82 48.35 5.70
CA PRO C 44 30.80 47.77 4.77
C PRO C 44 31.38 46.43 5.21
N VAL C 45 31.67 45.57 4.23
CA VAL C 45 32.14 44.21 4.46
C VAL C 45 33.37 44.21 5.35
N ILE C 46 33.32 43.44 6.43
CA ILE C 46 34.47 43.27 7.33
C ILE C 46 35.25 42.04 6.91
N VAL C 47 36.51 42.23 6.53
CA VAL C 47 37.32 41.12 6.05
C VAL C 47 37.82 40.29 7.22
N ASP C 48 37.60 38.98 7.14
CA ASP C 48 38.07 38.01 8.11
C ASP C 48 37.58 38.32 9.51
N ASP C 49 36.28 38.58 9.66
CA ASP C 49 35.70 38.76 10.98
C ASP C 49 35.65 37.42 11.69
N VAL C 50 36.02 37.42 12.97
CA VAL C 50 36.09 36.21 13.78
C VAL C 50 34.87 36.15 14.68
N MET C 51 34.04 35.13 14.49
CA MET C 51 32.81 34.96 15.25
C MET C 51 32.81 33.59 15.92
N GLU C 52 32.37 33.55 17.18
CA GLU C 52 32.21 32.30 17.90
C GLU C 52 30.72 31.99 18.02
N LEU C 53 30.34 30.78 17.63
CA LEU C 53 28.94 30.37 17.58
C LEU C 53 28.72 29.16 18.47
N ASP C 54 27.58 29.16 19.16
CA ASP C 54 27.18 28.01 19.97
C ASP C 54 26.72 26.87 19.07
N GLY C 55 26.59 25.69 19.66
CA GLY C 55 26.26 24.50 18.93
C GLY C 55 24.79 24.41 18.57
N PRO C 56 24.50 24.35 17.26
CA PRO C 56 23.09 24.22 16.83
C PRO C 56 22.54 22.82 17.07
N GLY C 57 23.35 21.80 16.79
CA GLY C 57 22.95 20.43 16.98
C GLY C 57 22.29 19.77 15.78
N GLY C 58 22.00 20.52 14.72
CA GLY C 58 21.36 19.97 13.55
C GLY C 58 22.31 19.73 12.39
N ARG C 59 21.78 19.77 11.18
CA ARG C 59 22.59 19.58 9.98
C ARG C 59 23.07 20.89 9.36
N VAL C 60 22.43 22.00 9.67
CA VAL C 60 22.80 23.30 9.12
C VAL C 60 23.16 24.23 10.28
N LEU C 61 24.17 25.07 10.06
CA LEU C 61 24.61 26.07 11.04
C LEU C 61 24.13 27.43 10.56
N SER C 62 23.27 28.06 11.34
CA SER C 62 22.70 29.36 10.98
C SER C 62 23.63 30.46 11.50
N LEU C 63 24.53 30.92 10.65
CA LEU C 63 25.42 32.00 11.02
C LEU C 63 24.62 33.30 11.13
N PRO C 64 25.06 34.23 12.00
CA PRO C 64 24.35 35.50 12.19
C PRO C 64 24.65 36.54 11.10
N THR C 65 24.37 36.16 9.86
CA THR C 65 24.62 37.02 8.71
C THR C 65 23.58 36.73 7.63
N LEU C 66 23.34 37.70 6.77
CA LEU C 66 22.43 37.54 5.64
C LEU C 66 23.11 37.66 4.29
N ASN C 67 24.40 38.01 4.24
CA ASN C 67 25.17 38.07 3.00
C ASN C 67 26.58 37.55 3.31
N LEU C 68 26.79 36.26 3.09
CA LEU C 68 28.06 35.61 3.36
C LEU C 68 28.80 35.41 2.05
N VAL C 69 29.94 36.09 1.90
CA VAL C 69 30.68 36.02 0.63
C VAL C 69 31.64 34.84 0.62
N SER C 70 32.48 34.72 1.65
CA SER C 70 33.43 33.62 1.72
C SER C 70 33.78 33.35 3.17
N VAL C 71 34.30 32.16 3.42
CA VAL C 71 34.73 31.73 4.74
C VAL C 71 36.16 31.22 4.65
N SER C 72 36.99 31.60 5.63
CA SER C 72 38.41 31.29 5.60
C SER C 72 38.72 29.96 6.29
N SER C 73 38.40 29.85 7.57
CA SER C 73 38.70 28.64 8.33
C SER C 73 37.59 28.39 9.34
N VAL C 74 37.34 27.11 9.60
CA VAL C 74 36.34 26.68 10.57
C VAL C 74 37.00 25.67 11.51
N VAL C 75 36.96 25.95 12.81
CA VAL C 75 37.49 25.05 13.83
C VAL C 75 36.35 24.68 14.78
N GLU C 76 36.22 23.38 15.06
CA GLU C 76 35.18 22.88 15.92
C GLU C 76 35.80 22.00 17.00
N LEU C 77 35.50 22.32 18.26
CA LEU C 77 36.00 21.57 19.41
C LEU C 77 37.52 21.47 19.41
N GLY C 78 38.18 22.54 18.99
CA GLY C 78 39.63 22.59 18.95
C GLY C 78 40.27 21.97 17.74
N HIS C 79 39.50 21.40 16.82
CA HIS C 79 40.02 20.75 15.64
C HIS C 79 39.49 21.46 14.39
N ALA C 80 40.39 21.82 13.48
CA ALA C 80 40.02 22.51 12.26
C ALA C 80 39.39 21.54 11.26
N LEU C 81 38.37 22.02 10.56
CA LEU C 81 37.69 21.25 9.54
C LEU C 81 38.19 21.66 8.15
N ASP C 82 37.75 20.90 7.14
CA ASP C 82 38.08 21.20 5.75
C ASP C 82 37.02 22.15 5.20
N VAL C 83 37.42 23.38 4.87
CA VAL C 83 36.46 24.40 4.47
C VAL C 83 35.80 24.02 3.14
N SER C 84 36.57 23.47 2.21
CA SER C 84 36.08 23.18 0.87
C SER C 84 35.02 22.08 0.83
N THR C 85 34.83 21.35 1.92
CA THR C 85 33.87 20.25 1.95
C THR C 85 32.50 20.66 2.48
N LEU C 86 32.26 21.95 2.68
CA LEU C 86 31.00 22.42 3.23
C LEU C 86 30.17 23.11 2.15
N ASP C 87 28.86 23.20 2.41
CA ASP C 87 27.92 23.86 1.53
C ASP C 87 27.47 25.18 2.17
N ARG C 88 27.67 26.27 1.45
CA ARG C 88 27.37 27.61 1.95
C ARG C 88 26.40 28.31 1.01
N SER C 89 25.44 29.02 1.60
CA SER C 89 24.45 29.80 0.85
C SER C 89 24.71 31.28 1.11
N ARG C 90 24.94 32.04 0.04
CA ARG C 90 25.20 33.46 0.18
C ARG C 90 23.99 34.19 0.75
N ARG C 91 22.81 33.91 0.22
CA ARG C 91 21.60 34.63 0.67
C ARG C 91 21.21 34.20 2.07
N LYS C 92 21.20 32.89 2.34
CA LYS C 92 20.83 32.40 3.66
C LYS C 92 21.91 32.63 4.71
N GLY C 93 23.18 32.62 4.31
CA GLY C 93 24.27 32.77 5.25
C GLY C 93 24.34 31.60 6.22
N THR C 94 24.20 30.39 5.70
CA THR C 94 24.22 29.17 6.50
C THR C 94 25.26 28.21 5.96
N LEU C 95 25.84 27.42 6.85
CA LEU C 95 26.81 26.39 6.50
C LEU C 95 26.20 25.03 6.76
N THR C 96 26.36 24.12 5.80
CA THR C 96 25.75 22.79 5.88
C THR C 96 26.83 21.74 5.69
N LYS C 97 26.96 20.85 6.67
CA LYS C 97 27.83 19.70 6.52
C LYS C 97 27.26 18.73 5.49
N PRO C 98 28.11 18.00 4.77
CA PRO C 98 27.58 17.05 3.77
C PRO C 98 26.73 15.95 4.39
N TYR C 99 27.26 15.23 5.35
CA TYR C 99 26.50 14.21 6.09
C TYR C 99 27.00 14.18 7.52
N GLY C 100 26.07 14.26 8.47
CA GLY C 100 26.37 14.28 9.88
C GLY C 100 25.63 15.40 10.58
N ARG C 101 26.07 15.70 11.79
CA ARG C 101 25.46 16.74 12.60
C ARG C 101 26.54 17.60 13.23
N TRP C 102 26.19 18.84 13.55
CA TRP C 102 27.11 19.73 14.24
C TRP C 102 27.17 19.39 15.73
N THR C 103 28.18 19.94 16.40
CA THR C 103 28.29 19.78 17.84
C THR C 103 27.14 20.52 18.53
N ALA C 104 26.67 19.94 19.63
CA ALA C 104 25.56 20.53 20.40
C ALA C 104 26.02 21.22 21.67
N ARG C 105 27.32 21.42 21.86
CA ARG C 105 27.82 22.03 23.08
C ARG C 105 28.11 23.51 22.87
N ASP C 106 28.12 24.26 23.96
CA ASP C 106 28.31 25.70 23.91
C ASP C 106 29.80 26.03 23.76
N GLY C 107 30.07 27.11 23.01
CA GLY C 107 31.42 27.58 22.82
C GLY C 107 32.33 26.57 22.14
N ALA C 108 31.83 25.91 21.11
CA ALA C 108 32.57 24.87 20.42
C ALA C 108 32.95 25.21 18.99
N ILE C 109 32.34 26.23 18.40
CA ILE C 109 32.53 26.56 16.99
C ILE C 109 33.07 27.98 16.89
N VAL C 110 34.19 28.14 16.18
CA VAL C 110 34.76 29.44 15.87
C VAL C 110 34.93 29.52 14.37
N VAL C 111 34.30 30.51 13.73
CA VAL C 111 34.28 30.63 12.28
C VAL C 111 34.74 32.03 11.90
N THR C 112 35.69 32.10 10.97
CA THR C 112 36.17 33.36 10.43
C THR C 112 35.75 33.46 8.96
N ALA C 113 35.06 34.54 8.60
CA ALA C 113 34.50 34.65 7.28
C ALA C 113 34.38 36.12 6.88
N THR C 114 34.27 36.35 5.58
CA THR C 114 34.05 37.68 5.02
C THR C 114 32.59 37.83 4.66
N HIS C 115 31.94 38.85 5.18
CA HIS C 115 30.50 39.01 4.99
C HIS C 115 30.11 40.46 5.16
N GLY C 116 28.92 40.79 4.69
CA GLY C 116 28.35 42.11 4.82
C GLY C 116 27.85 42.65 3.49
N PHE C 117 27.34 43.88 3.55
CA PHE C 117 26.90 44.60 2.37
C PHE C 117 27.83 45.79 2.13
N THR C 118 28.38 45.89 0.93
CA THR C 118 29.26 46.99 0.60
C THR C 118 28.47 48.29 0.45
N GLU C 119 29.19 49.41 0.49
CA GLU C 119 28.53 50.71 0.42
C GLU C 119 27.85 50.93 -0.92
N ALA C 120 28.34 50.30 -1.99
CA ALA C 120 27.72 50.46 -3.29
C ALA C 120 26.31 49.87 -3.32
N GLU C 121 26.16 48.62 -2.88
CA GLU C 121 24.85 48.00 -2.86
C GLU C 121 23.99 48.55 -1.73
N ALA C 122 24.57 48.71 -0.54
CA ALA C 122 23.82 49.19 0.62
C ALA C 122 23.85 50.71 0.62
N ALA C 123 22.87 51.31 -0.06
CA ALA C 123 22.71 52.76 -0.11
C ALA C 123 21.56 53.27 0.74
N ASP C 124 20.45 52.52 0.81
CA ASP C 124 19.32 52.95 1.62
C ASP C 124 19.59 52.81 3.11
N TRP C 125 20.53 51.96 3.51
CA TRP C 125 20.90 51.84 4.91
C TRP C 125 21.44 53.16 5.45
N ARG C 126 22.40 53.75 4.74
CA ARG C 126 22.96 55.03 5.15
C ARG C 126 21.91 56.12 5.13
N ARG C 127 21.03 56.11 4.12
CA ARG C 127 19.97 57.11 4.05
C ARG C 127 19.02 56.99 5.23
N ALA C 128 18.66 55.76 5.60
CA ALA C 128 17.78 55.56 6.75
C ALA C 128 18.45 56.03 8.04
N VAL C 129 19.74 55.73 8.20
CA VAL C 129 20.46 56.17 9.39
C VAL C 129 20.49 57.70 9.45
N VAL C 130 20.78 58.34 8.32
CA VAL C 130 20.85 59.80 8.28
C VAL C 130 19.49 60.41 8.60
N GLN C 131 18.43 59.84 8.04
CA GLN C 131 17.09 60.38 8.30
C GLN C 131 16.70 60.20 9.76
N LEU C 132 17.04 59.05 10.36
CA LEU C 132 16.75 58.85 11.77
C LEU C 132 17.53 59.84 12.64
N VAL C 133 18.80 60.07 12.31
CA VAL C 133 19.60 61.04 13.07
C VAL C 133 18.99 62.43 12.96
N GLY C 134 18.59 62.82 11.75
CA GLY C 134 17.99 64.13 11.56
C GLY C 134 16.67 64.28 12.30
N GLN C 135 15.85 63.23 12.29
CA GLN C 135 14.58 63.28 13.01
C GLN C 135 14.80 63.37 14.51
N ARG C 136 15.79 62.64 15.04
CA ARG C 136 16.11 62.74 16.46
C ARG C 136 16.61 64.14 16.81
N ALA C 137 17.45 64.72 15.96
CA ALA C 137 18.03 66.03 16.25
C ALA C 137 16.97 67.13 16.18
N GLN C 138 16.12 67.09 15.15
CA GLN C 138 15.17 68.18 14.93
C GLN C 138 14.09 68.23 16.01
N THR C 139 13.69 67.07 16.54
CA THR C 139 12.63 66.97 17.55
C THR C 139 11.35 67.66 17.09
N ARG C 148 -0.77 67.91 24.21
CA ARG C 148 -0.75 69.18 23.49
C ARG C 148 -0.14 70.28 24.34
N LYS C 149 0.61 71.13 23.72
CA LYS C 149 1.14 72.36 24.33
C LYS C 149 0.90 73.51 23.37
N LYS C 150 0.24 74.54 23.86
CA LYS C 150 0.04 75.79 23.12
C LYS C 150 0.58 76.94 23.96
N ILE C 151 1.34 77.80 23.35
CA ILE C 151 1.77 79.09 23.95
C ILE C 151 1.62 80.13 22.87
N ASP C 152 0.74 81.09 23.09
CA ASP C 152 0.38 82.10 22.09
C ASP C 152 -0.05 81.42 20.76
N ASP C 153 0.58 81.77 19.67
CA ASP C 153 0.27 81.23 18.34
C ASP C 153 1.08 79.97 17.98
N VAL C 154 1.90 79.46 18.90
CA VAL C 154 2.69 78.25 18.69
C VAL C 154 2.02 77.07 19.39
N GLU C 155 1.63 76.05 18.63
CA GLU C 155 0.95 74.85 19.15
C GLU C 155 1.64 73.59 18.66
N TYR C 156 1.89 72.65 19.58
CA TYR C 156 2.37 71.30 19.30
C TYR C 156 1.36 70.30 19.87
N GLU C 157 1.06 69.25 19.11
CA GLU C 157 0.22 68.14 19.55
C GLU C 157 0.93 66.82 19.24
N TRP C 158 0.91 65.88 20.19
CA TRP C 158 1.56 64.58 20.08
C TRP C 158 0.54 63.44 20.16
N SER C 164 7.88 54.43 21.04
CA SER C 164 8.61 53.20 21.29
C SER C 164 9.83 53.09 20.39
N VAL C 165 10.98 52.75 20.99
CA VAL C 165 12.21 52.62 20.22
C VAL C 165 12.11 51.47 19.23
N ASP C 166 11.57 50.33 19.67
CA ASP C 166 11.47 49.16 18.80
C ASP C 166 10.59 49.45 17.59
N ALA C 167 9.42 50.06 17.82
CA ALA C 167 8.54 50.40 16.71
C ALA C 167 9.16 51.44 15.79
N GLU C 168 9.82 52.45 16.37
CA GLU C 168 10.45 53.49 15.56
C GLU C 168 11.54 52.91 14.67
N LEU C 169 12.32 51.97 15.20
CA LEU C 169 13.33 51.30 14.39
C LEU C 169 12.69 50.42 13.32
N SER C 170 11.72 49.59 13.72
CA SER C 170 11.11 48.66 12.79
C SER C 170 10.39 49.36 11.65
N ALA C 171 9.97 50.61 11.86
CA ALA C 171 9.30 51.36 10.79
C ALA C 171 10.19 51.56 9.57
N VAL C 172 11.52 51.52 9.75
CA VAL C 172 12.43 51.74 8.63
C VAL C 172 13.44 50.61 8.43
N PHE C 173 13.77 49.81 9.45
CA PHE C 173 14.86 48.85 9.37
C PHE C 173 14.36 47.41 9.18
N SER C 174 13.09 47.24 8.83
CA SER C 174 12.54 45.89 8.67
C SER C 174 13.30 45.03 7.67
N PRO C 175 13.66 45.51 6.46
CA PRO C 175 14.26 44.59 5.48
C PRO C 175 15.60 44.01 5.90
N PHE C 176 16.28 44.59 6.89
CA PHE C 176 17.63 44.17 7.28
C PHE C 176 17.66 43.50 8.64
N ARG C 177 16.51 43.02 9.12
CA ARG C 177 16.42 42.39 10.44
C ARG C 177 16.41 40.88 10.30
N ILE C 178 17.23 40.20 11.10
CA ILE C 178 17.22 38.75 11.17
C ILE C 178 16.12 38.31 12.12
N LEU C 179 15.30 37.35 11.68
CA LEU C 179 14.21 36.87 12.51
C LEU C 179 14.77 36.15 13.74
N PRO C 180 14.07 36.21 14.87
CA PRO C 180 14.54 35.53 16.08
C PRO C 180 14.67 34.03 15.87
N SER C 181 15.68 33.45 16.49
CA SER C 181 15.90 32.01 16.37
C SER C 181 14.81 31.25 17.12
N PRO C 182 14.13 30.29 16.47
CA PRO C 182 13.07 29.51 17.11
C PRO C 182 13.57 28.65 18.26
N GLU D 3 31.56 55.63 34.07
CA GLU D 3 30.12 55.69 33.83
C GLU D 3 29.77 56.98 33.09
N LEU D 4 28.81 57.72 33.65
CA LEU D 4 28.38 59.00 33.08
C LEU D 4 28.61 60.10 34.10
N LYS D 5 29.16 61.22 33.63
CA LYS D 5 29.47 62.38 34.45
C LYS D 5 28.66 63.57 33.99
N PRO D 6 28.48 64.59 34.84
CA PRO D 6 27.64 65.74 34.44
C PRO D 6 28.13 66.46 33.20
N ASP D 7 29.43 66.42 32.90
CA ASP D 7 29.92 67.07 31.68
C ASP D 7 29.41 66.38 30.42
N ASP D 8 29.04 65.10 30.52
CA ASP D 8 28.47 64.40 29.37
C ASP D 8 27.08 64.89 29.02
N LEU D 9 26.37 65.48 29.97
CA LEU D 9 25.04 66.00 29.71
C LEU D 9 25.13 67.26 28.84
N PRO D 10 24.12 67.50 28.00
CA PRO D 10 24.07 68.77 27.25
C PRO D 10 24.02 69.95 28.20
N ALA D 11 24.60 71.07 27.75
CA ALA D 11 24.68 72.27 28.58
C ALA D 11 23.29 72.75 28.98
N LYS D 12 22.34 72.69 28.05
CA LYS D 12 20.97 73.11 28.37
C LYS D 12 20.38 72.27 29.50
N VAL D 13 20.60 70.95 29.46
CA VAL D 13 20.17 70.09 30.56
C VAL D 13 20.98 70.38 31.82
N ARG D 14 22.27 70.66 31.65
CA ARG D 14 23.14 70.95 32.78
C ARG D 14 22.71 72.21 33.52
N GLY D 15 22.06 73.14 32.84
CA GLY D 15 21.76 74.44 33.43
C GLY D 15 20.73 74.42 34.54
N GLN D 16 19.98 73.34 34.69
CA GLN D 16 18.88 73.29 35.67
C GLN D 16 19.30 72.72 37.02
N PHE D 17 20.58 72.47 37.23
CA PHE D 17 21.06 71.90 38.48
C PHE D 17 22.02 72.87 39.17
N ALA D 18 21.90 72.97 40.49
CA ALA D 18 22.70 73.92 41.25
C ALA D 18 24.19 73.58 41.16
N ASP D 19 24.54 72.31 41.26
CA ASP D 19 25.94 71.89 41.20
C ASP D 19 26.03 70.55 40.50
N ASN D 20 27.27 70.14 40.21
CA ASN D 20 27.50 68.85 39.57
C ASN D 20 27.08 67.70 40.47
N THR D 21 27.07 67.92 41.79
CA THR D 21 26.63 66.87 42.72
C THR D 21 25.16 66.52 42.51
N GLU D 22 24.32 67.53 42.27
CA GLU D 22 22.91 67.27 42.01
C GLU D 22 22.73 66.51 40.70
N ALA D 23 23.51 66.87 39.67
CA ALA D 23 23.47 66.12 38.42
C ALA D 23 23.89 64.68 38.62
N GLN D 24 24.94 64.45 39.40
CA GLN D 24 25.38 63.09 39.69
C GLN D 24 24.32 62.33 40.46
N ALA D 25 23.60 63.01 41.37
CA ALA D 25 22.53 62.35 42.10
C ALA D 25 21.41 61.92 41.17
N ALA D 26 21.02 62.81 40.23
CA ALA D 26 19.99 62.45 39.27
C ALA D 26 20.43 61.29 38.38
N ILE D 27 21.69 61.31 37.93
CA ILE D 27 22.23 60.22 37.13
C ILE D 27 22.20 58.92 37.93
N ASP D 28 22.59 58.98 39.21
CA ASP D 28 22.59 57.79 40.05
C ASP D 28 21.18 57.23 40.22
N ALA D 29 20.20 58.11 40.44
CA ALA D 29 18.82 57.65 40.59
C ALA D 29 18.32 56.98 39.31
N VAL D 30 18.56 57.62 38.16
CA VAL D 30 18.09 57.04 36.91
C VAL D 30 18.80 55.73 36.61
N LEU D 31 20.11 55.66 36.87
CA LEU D 31 20.85 54.43 36.66
C LEU D 31 20.36 53.33 37.57
N ALA D 32 20.07 53.64 38.83
CA ALA D 32 19.54 52.65 39.75
C ALA D 32 18.20 52.11 39.27
N ALA D 33 17.32 53.01 38.83
CA ALA D 33 16.02 52.56 38.31
C ALA D 33 16.19 51.68 37.08
N ALA D 34 17.05 52.08 36.15
CA ALA D 34 17.25 51.32 34.93
C ALA D 34 17.86 49.95 35.23
N ARG D 35 18.83 49.89 36.14
CA ARG D 35 19.44 48.61 36.50
C ARG D 35 18.46 47.71 37.23
N ARG D 36 17.62 48.28 38.11
CA ARG D 36 16.61 47.48 38.78
C ARG D 36 15.61 46.90 37.79
N TRP D 37 15.20 47.70 36.80
CA TRP D 37 14.29 47.19 35.77
C TRP D 37 14.96 46.10 34.94
N CYS D 38 16.18 46.36 34.47
CA CYS D 38 16.89 45.39 33.65
C CYS D 38 17.36 44.20 34.48
N GLY D 39 17.85 44.45 35.69
CA GLY D 39 18.33 43.40 36.57
C GLY D 39 19.83 43.21 36.60
N TRP D 40 20.59 44.07 35.93
CA TRP D 40 22.05 43.94 35.89
C TRP D 40 22.62 45.21 35.25
N HIS D 41 23.87 45.50 35.60
CA HIS D 41 24.59 46.62 35.00
C HIS D 41 24.85 46.36 33.52
N VAL D 42 25.02 47.43 32.75
CA VAL D 42 25.22 47.30 31.31
C VAL D 42 26.53 47.95 30.87
N SER D 43 26.65 49.25 31.10
CA SER D 43 27.73 50.04 30.49
C SER D 43 29.11 49.84 31.13
N PRO D 44 29.25 49.71 32.46
CA PRO D 44 30.61 49.55 33.01
C PRO D 44 31.04 48.09 33.07
N VAL D 45 32.30 47.81 32.72
CA VAL D 45 32.83 46.45 32.80
C VAL D 45 33.37 46.21 34.20
N ILE D 46 32.52 45.74 35.11
CA ILE D 46 32.98 45.30 36.42
C ILE D 46 33.69 43.97 36.25
N VAL D 47 34.90 43.86 36.78
CA VAL D 47 35.73 42.66 36.64
C VAL D 47 35.85 42.00 38.00
N ASP D 48 35.99 40.66 37.99
CA ASP D 48 36.07 39.86 39.21
C ASP D 48 34.84 40.03 40.08
N ASP D 49 33.69 40.28 39.45
CA ASP D 49 32.44 40.45 40.17
C ASP D 49 32.06 39.16 40.89
N VAL D 50 31.68 39.28 42.15
CA VAL D 50 31.31 38.15 42.99
C VAL D 50 29.79 38.04 43.04
N MET D 51 29.27 36.87 42.71
CA MET D 51 27.83 36.64 42.66
C MET D 51 27.46 35.47 43.55
N GLU D 52 26.45 35.65 44.38
CA GLU D 52 25.90 34.60 45.22
C GLU D 52 24.54 34.20 44.64
N LEU D 53 24.48 33.02 44.03
CA LEU D 53 23.30 32.57 43.33
C LEU D 53 22.77 31.27 43.94
N ASP D 54 21.49 31.02 43.72
CA ASP D 54 20.82 29.83 44.24
C ASP D 54 20.94 28.69 43.24
N GLY D 55 20.86 27.47 43.77
CA GLY D 55 20.98 26.28 42.95
C GLY D 55 19.73 25.98 42.16
N PRO D 56 19.86 25.84 40.84
CA PRO D 56 18.69 25.53 40.01
C PRO D 56 18.35 24.05 40.02
N GLY D 57 19.35 23.19 40.22
CA GLY D 57 19.15 21.76 40.24
C GLY D 57 19.16 21.10 38.88
N GLY D 58 19.21 21.86 37.80
CA GLY D 58 19.20 21.32 36.45
C GLY D 58 20.59 21.15 35.88
N ARG D 59 20.64 21.08 34.54
CA ARG D 59 21.90 20.89 33.84
C ARG D 59 22.64 22.21 33.59
N VAL D 60 21.91 23.29 33.33
CA VAL D 60 22.49 24.58 33.01
C VAL D 60 22.24 25.53 34.17
N LEU D 61 23.25 26.32 34.52
CA LEU D 61 23.13 27.40 35.50
C LEU D 61 23.05 28.72 34.75
N SER D 62 22.13 29.58 35.18
CA SER D 62 21.85 30.83 34.49
C SER D 62 22.39 32.00 35.31
N LEU D 63 23.52 32.53 34.87
CA LEU D 63 24.05 33.75 35.49
C LEU D 63 23.17 34.94 35.13
N PRO D 64 23.09 35.95 36.02
CA PRO D 64 22.27 37.14 35.75
C PRO D 64 22.96 38.16 34.84
N THR D 65 23.56 37.67 33.75
CA THR D 65 24.27 38.50 32.80
C THR D 65 23.87 38.09 31.39
N LEU D 66 23.98 39.04 30.46
CA LEU D 66 23.72 38.78 29.05
C LEU D 66 24.97 38.90 28.18
N ASN D 67 26.13 39.16 28.78
CA ASN D 67 27.39 39.21 28.04
C ASN D 67 28.49 38.72 28.98
N LEU D 68 28.83 37.44 28.88
CA LEU D 68 29.83 36.83 29.74
C LEU D 68 31.16 36.79 28.99
N VAL D 69 32.13 37.57 29.47
CA VAL D 69 33.44 37.62 28.82
C VAL D 69 34.27 36.42 29.23
N SER D 70 34.46 36.22 30.53
CA SER D 70 35.27 35.13 31.03
C SER D 70 34.93 34.88 32.50
N VAL D 71 35.15 33.64 32.93
CA VAL D 71 34.88 33.22 34.31
C VAL D 71 36.22 32.96 34.99
N SER D 72 36.37 33.46 36.22
CA SER D 72 37.61 33.33 36.97
C SER D 72 37.65 32.04 37.78
N SER D 73 36.69 31.86 38.69
CA SER D 73 36.67 30.68 39.54
C SER D 73 35.24 30.40 39.97
N VAL D 74 34.94 29.11 40.19
CA VAL D 74 33.61 28.66 40.59
C VAL D 74 33.77 27.77 41.82
N VAL D 75 33.08 28.13 42.90
CA VAL D 75 33.08 27.35 44.13
C VAL D 75 31.64 26.95 44.42
N GLU D 76 31.40 25.65 44.60
CA GLU D 76 30.07 25.11 44.86
C GLU D 76 30.09 24.34 46.16
N LEU D 77 29.24 24.74 47.10
CA LEU D 77 29.08 24.06 48.39
C LEU D 77 30.42 23.93 49.12
N GLY D 78 31.24 24.97 49.02
CA GLY D 78 32.54 24.99 49.65
C GLY D 78 33.64 24.28 48.89
N HIS D 79 33.32 23.60 47.79
CA HIS D 79 34.29 22.87 46.98
C HIS D 79 34.40 23.55 45.63
N ALA D 80 35.61 23.93 45.25
CA ALA D 80 35.83 24.64 44.00
C ALA D 80 35.86 23.66 42.82
N LEU D 81 35.21 24.06 41.72
CA LEU D 81 35.16 23.26 40.50
C LEU D 81 36.23 23.74 39.53
N ASP D 82 36.38 23.00 38.44
CA ASP D 82 37.33 23.31 37.39
C ASP D 82 36.60 24.13 36.32
N VAL D 83 37.01 25.39 36.15
CA VAL D 83 36.34 26.28 35.22
C VAL D 83 36.57 25.83 33.77
N SER D 84 37.69 25.16 33.50
CA SER D 84 38.01 24.78 32.13
C SER D 84 37.12 23.66 31.60
N THR D 85 36.44 22.94 32.48
CA THR D 85 35.56 21.85 32.08
C THR D 85 34.11 22.27 31.92
N LEU D 86 33.79 23.53 32.19
CA LEU D 86 32.42 24.04 32.09
C LEU D 86 32.27 24.82 30.79
N ASP D 87 31.24 24.46 30.01
CA ASP D 87 30.98 25.16 28.76
C ASP D 87 30.41 26.54 29.06
N ARG D 88 30.85 27.54 28.28
CA ARG D 88 30.47 28.92 28.49
C ARG D 88 29.78 29.47 27.26
N SER D 89 28.77 30.32 27.49
CA SER D 89 28.02 30.97 26.42
C SER D 89 28.04 32.47 26.65
N ARG D 90 28.80 33.18 25.82
CA ARG D 90 28.97 34.62 26.00
C ARG D 90 27.64 35.36 25.82
N ARG D 91 26.87 34.99 24.80
CA ARG D 91 25.62 35.71 24.53
C ARG D 91 24.55 35.40 25.58
N LYS D 92 24.40 34.11 25.93
CA LYS D 92 23.37 33.72 26.89
C LYS D 92 23.81 33.90 28.34
N GLY D 93 25.11 33.88 28.61
CA GLY D 93 25.59 34.01 29.97
C GLY D 93 25.20 32.84 30.84
N THR D 94 25.39 31.63 30.33
CA THR D 94 24.99 30.41 31.03
C THR D 94 26.15 29.42 31.06
N LEU D 95 26.14 28.55 32.07
CA LEU D 95 27.15 27.53 32.25
C LEU D 95 26.49 26.15 32.28
N THR D 96 27.08 25.19 31.57
CA THR D 96 26.54 23.85 31.49
C THR D 96 27.58 22.84 31.96
N LYS D 97 27.18 21.96 32.87
CA LYS D 97 28.04 20.86 33.26
C LYS D 97 27.93 19.74 32.24
N PRO D 98 29.04 19.31 31.62
CA PRO D 98 28.94 18.24 30.60
C PRO D 98 28.33 16.96 31.15
N TYR D 99 28.65 16.60 32.40
CA TYR D 99 28.05 15.45 33.06
C TYR D 99 27.67 15.85 34.48
N GLY D 100 26.48 15.44 34.91
CA GLY D 100 25.99 15.78 36.22
C GLY D 100 25.09 16.99 36.19
N ARG D 101 24.56 17.32 37.38
CA ARG D 101 23.64 18.43 37.55
C ARG D 101 24.11 19.33 38.68
N TRP D 102 23.70 20.60 38.61
CA TRP D 102 23.99 21.54 39.68
C TRP D 102 23.16 21.22 40.92
N THR D 103 23.59 21.74 42.05
CA THR D 103 22.86 21.55 43.30
C THR D 103 21.55 22.33 43.26
N ALA D 104 20.68 22.04 44.24
CA ALA D 104 19.38 22.67 44.32
C ALA D 104 19.16 23.51 45.56
N ARG D 105 20.11 23.51 46.51
CA ARG D 105 19.93 24.28 47.72
C ARG D 105 20.19 25.76 47.47
N ASP D 106 19.77 26.58 48.43
CA ASP D 106 19.85 28.03 48.28
C ASP D 106 21.21 28.54 48.76
N GLY D 107 21.78 29.47 47.99
CA GLY D 107 23.04 30.10 48.35
C GLY D 107 24.20 29.14 48.44
N ALA D 108 24.35 28.27 47.44
CA ALA D 108 25.39 27.26 47.45
C ALA D 108 26.47 27.47 46.38
N ILE D 109 26.29 28.41 45.46
CA ILE D 109 27.22 28.64 44.37
C ILE D 109 27.73 30.07 44.44
N VAL D 110 29.04 30.24 44.37
CA VAL D 110 29.69 31.54 44.29
C VAL D 110 30.45 31.60 42.98
N VAL D 111 30.15 32.61 42.15
CA VAL D 111 30.73 32.73 40.82
C VAL D 111 31.46 34.06 40.73
N THR D 112 32.71 34.01 40.28
CA THR D 112 33.51 35.20 40.03
C THR D 112 33.82 35.28 38.54
N ALA D 113 33.30 36.30 37.87
CA ALA D 113 33.45 36.42 36.43
C ALA D 113 33.38 37.89 36.03
N THR D 114 33.90 38.18 34.84
CA THR D 114 33.85 39.51 34.25
C THR D 114 32.79 39.53 33.17
N HIS D 115 31.87 40.49 33.27
CA HIS D 115 30.72 40.53 32.37
C HIS D 115 30.31 41.98 32.12
N GLY D 116 29.82 42.24 30.91
CA GLY D 116 29.28 43.53 30.54
C GLY D 116 29.79 43.98 29.20
N PHE D 117 29.31 45.16 28.78
CA PHE D 117 29.77 45.83 27.59
C PHE D 117 30.74 46.94 27.96
N THR D 118 31.60 47.30 27.02
CA THR D 118 32.50 48.43 27.20
C THR D 118 31.83 49.70 26.70
N GLU D 119 32.43 50.84 27.02
CA GLU D 119 31.87 52.13 26.63
C GLU D 119 31.87 52.33 25.12
N ALA D 120 32.60 51.50 24.37
CA ALA D 120 32.67 51.66 22.92
C ALA D 120 31.37 51.23 22.26
N GLU D 121 31.02 49.95 22.38
CA GLU D 121 29.81 49.45 21.73
C GLU D 121 28.53 49.88 22.44
N ALA D 122 28.56 49.97 23.77
CA ALA D 122 27.38 50.36 24.53
C ALA D 122 27.19 51.87 24.40
N ALA D 123 26.73 52.28 23.21
CA ALA D 123 26.50 53.68 22.91
C ALA D 123 25.03 54.10 23.02
N ASP D 124 24.09 53.19 22.74
CA ASP D 124 22.68 53.54 22.86
C ASP D 124 22.21 53.55 24.31
N TRP D 125 22.87 52.79 25.19
CA TRP D 125 22.51 52.79 26.59
C TRP D 125 22.75 54.17 27.22
N ARG D 126 23.94 54.74 26.99
CA ARG D 126 24.25 56.06 27.51
C ARG D 126 23.31 57.12 26.95
N ARG D 127 23.03 57.05 25.64
CA ARG D 127 22.12 58.01 25.03
C ARG D 127 20.72 57.91 25.63
N ALA D 128 20.24 56.68 25.84
CA ALA D 128 18.92 56.50 26.45
C ALA D 128 18.90 57.04 27.87
N VAL D 129 19.96 56.79 28.64
CA VAL D 129 20.01 57.30 30.02
C VAL D 129 20.01 58.82 30.01
N VAL D 130 20.80 59.42 29.13
CA VAL D 130 20.87 60.88 29.07
C VAL D 130 19.52 61.47 28.68
N GLN D 131 18.86 60.87 27.68
CA GLN D 131 17.55 61.36 27.26
C GLN D 131 16.53 61.23 28.36
N LEU D 132 16.55 60.10 29.09
CA LEU D 132 15.61 59.93 30.20
C LEU D 132 15.85 60.95 31.30
N VAL D 133 17.13 61.22 31.62
CA VAL D 133 17.44 62.21 32.64
C VAL D 133 16.95 63.59 32.20
N GLY D 134 17.19 63.95 30.93
CA GLY D 134 16.75 65.23 30.44
C GLY D 134 15.23 65.38 30.46
N GLN D 135 14.52 64.33 30.06
CA GLN D 135 13.06 64.40 30.04
C GLN D 135 12.48 64.46 31.44
N ARG D 136 13.08 63.74 32.39
CA ARG D 136 12.59 63.79 33.77
C ARG D 136 12.92 65.14 34.41
N ALA D 137 14.01 65.76 33.99
CA ALA D 137 14.41 67.07 34.52
C ALA D 137 13.82 68.23 33.74
N GLN D 138 13.16 67.97 32.61
CA GLN D 138 12.54 69.02 31.81
C GLN D 138 11.27 69.57 32.43
N THR D 139 10.61 68.81 33.30
CA THR D 139 9.36 69.26 33.91
C THR D 139 9.61 70.43 34.87
N ARG D 148 -5.69 69.10 31.75
CA ARG D 148 -5.33 70.34 31.08
C ARG D 148 -5.23 71.49 32.06
N LYS D 149 -4.27 72.35 31.84
CA LYS D 149 -4.11 73.61 32.56
C LYS D 149 -3.85 74.71 31.55
N LYS D 150 -4.67 75.74 31.59
CA LYS D 150 -4.48 76.95 30.79
C LYS D 150 -4.43 78.16 31.71
N ILE D 151 -3.46 79.01 31.52
CA ILE D 151 -3.38 80.33 32.18
C ILE D 151 -2.97 81.33 31.10
N ASP D 152 -3.85 82.27 30.80
CA ASP D 152 -3.67 83.21 29.71
C ASP D 152 -3.38 82.47 28.39
N ASP D 153 -2.29 82.78 27.72
CA ASP D 153 -1.91 82.18 26.45
C ASP D 153 -1.02 80.93 26.61
N VAL D 154 -0.76 80.48 27.85
CA VAL D 154 0.03 79.28 28.12
C VAL D 154 -0.90 78.13 28.45
N GLU D 155 -0.85 77.05 27.66
CA GLU D 155 -1.70 75.87 27.85
C GLU D 155 -0.85 74.59 27.83
N TYR D 156 -1.09 73.71 28.81
CA TYR D 156 -0.53 72.36 28.89
C TYR D 156 -1.68 71.37 28.93
N GLU D 157 -1.56 70.27 28.19
CA GLU D 157 -2.50 69.15 28.21
C GLU D 157 -1.73 67.85 28.37
N TRP D 158 -2.22 66.95 29.23
CA TRP D 158 -1.60 65.66 29.53
C TRP D 158 -2.52 64.50 29.16
N SER D 164 3.65 55.97 34.44
CA SER D 164 4.15 54.86 35.25
C SER D 164 5.62 54.61 34.98
N VAL D 165 6.34 54.17 36.02
CA VAL D 165 7.77 53.88 35.86
C VAL D 165 7.98 52.71 34.90
N ASP D 166 7.08 51.72 34.95
CA ASP D 166 7.20 50.57 34.06
C ASP D 166 7.10 50.99 32.59
N ALA D 167 6.07 51.76 32.25
CA ALA D 167 5.89 52.21 30.87
C ALA D 167 7.02 53.12 30.44
N GLU D 168 7.44 54.03 31.32
CA GLU D 168 8.51 54.96 30.96
C GLU D 168 9.82 54.23 30.71
N LEU D 169 10.16 53.25 31.54
CA LEU D 169 11.41 52.53 31.38
C LEU D 169 11.35 51.53 30.23
N SER D 170 10.16 51.02 29.92
CA SER D 170 10.00 50.08 28.82
C SER D 170 10.14 50.74 27.46
N ALA D 171 10.18 52.07 27.39
CA ALA D 171 10.23 52.74 26.11
C ALA D 171 11.58 52.57 25.43
N VAL D 172 12.67 52.63 26.20
CA VAL D 172 14.00 52.71 25.61
C VAL D 172 14.92 51.62 26.13
N PHE D 173 14.57 51.00 27.26
CA PHE D 173 15.44 50.05 27.92
C PHE D 173 15.07 48.60 27.63
N SER D 174 14.18 48.35 26.68
CA SER D 174 13.75 46.98 26.39
C SER D 174 14.88 46.05 25.95
N PRO D 175 15.81 46.43 25.08
CA PRO D 175 16.79 45.45 24.59
C PRO D 175 17.70 44.88 25.67
N PHE D 176 17.84 45.55 26.82
CA PHE D 176 18.79 45.15 27.85
C PHE D 176 18.10 44.48 29.04
N ARG D 177 16.98 43.80 28.82
CA ARG D 177 16.23 43.16 29.89
C ARG D 177 16.42 41.65 29.84
N ILE D 178 16.63 41.05 31.02
CA ILE D 178 16.56 39.61 31.19
C ILE D 178 15.14 39.26 31.60
N LEU D 179 14.50 38.35 30.84
CA LEU D 179 13.15 37.96 31.15
C LEU D 179 13.10 37.19 32.46
N PRO D 180 11.97 37.25 33.17
CA PRO D 180 11.88 36.54 34.46
C PRO D 180 12.15 35.06 34.31
N SER D 181 12.86 34.50 35.28
CA SER D 181 13.25 33.10 35.22
C SER D 181 12.01 32.22 35.36
N PRO D 182 11.81 31.23 34.47
CA PRO D 182 10.66 30.32 34.53
C PRO D 182 10.73 29.37 35.72
#